data_4MUN
#
_entry.id   4MUN
#
_cell.length_a   48.370
_cell.length_b   70.810
_cell.length_c   81.780
_cell.angle_alpha   90.00
_cell.angle_beta   99.15
_cell.angle_gamma   90.00
#
_symmetry.space_group_name_H-M   'P 1 21 1'
#
loop_
_entity.id
_entity.type
_entity.pdbx_description
1 polymer 'Pantothenate synthetase'
2 non-polymer ETHANOL
3 non-polymer '[5-methoxy-2-({[2-nitro-4-(trifluoromethyl)phenyl]sulfonyl}carbamoyl)-1H-indol-1-yl]acetic acid'
4 non-polymer 1,2-ETHANEDIOL
5 non-polymer GLYCEROL
6 water water
#
_entity_poly.entity_id   1
_entity_poly.type   'polypeptide(L)'
_entity_poly.pdbx_seq_one_letter_code
;MAIPAFHPGELNVYSAPGDVADVSRALRLTGRRVMLVPTMGALHEGHLALVRAAKRVPGSVVVVSIFVNPMQFGAGGDLD
AYPRTPDDDLAQLRAEGVEIAFTPTTAAMYPDGLRTTVQPGPLAAELEGGPRPTHFAGVLTVVLKLLQIVRPDRVFFGEK
DYQQLVLIRQLVADFNLDVAVVGVPTVREADGLAMSSRNRYLDPAQRAAAVALSAALTAAAHAATAGAQAALDAARAVLD
AAPGVAVDYLELRDIGLGPMPLNGSGRLLVAARLGTTRLLDNIAIEIGTFAGTDRPDGYR
;
_entity_poly.pdbx_strand_id   A,B
#
loop_
_chem_comp.id
_chem_comp.type
_chem_comp.name
_chem_comp.formula
2DZ non-polymer '[5-methoxy-2-({[2-nitro-4-(trifluoromethyl)phenyl]sulfonyl}carbamoyl)-1H-indol-1-yl]acetic acid' 'C19 H14 F3 N3 O8 S'
EDO non-polymer 1,2-ETHANEDIOL 'C2 H6 O2'
EOH non-polymer ETHANOL 'C2 H6 O'
GOL non-polymer GLYCEROL 'C3 H8 O3'
#
# COMPACT_ATOMS: atom_id res chain seq x y z
N PRO A 4 6.45 -24.93 7.08
CA PRO A 4 7.93 -24.87 6.85
C PRO A 4 8.73 -25.02 8.15
N ALA A 5 9.85 -25.73 8.11
CA ALA A 5 10.75 -25.86 9.29
C ALA A 5 11.47 -24.52 9.67
N PHE A 6 11.47 -24.21 10.97
CA PHE A 6 12.31 -23.16 11.58
C PHE A 6 13.21 -23.71 12.67
N HIS A 7 14.51 -23.77 12.41
CA HIS A 7 15.50 -24.20 13.41
C HIS A 7 16.06 -23.01 14.15
N PRO A 8 15.70 -22.82 15.46
CA PRO A 8 16.20 -21.61 16.13
C PRO A 8 17.70 -21.69 16.34
N GLY A 9 18.27 -20.53 16.56
CA GLY A 9 19.74 -20.39 16.60
C GLY A 9 20.54 -20.76 15.34
N GLU A 10 19.86 -21.00 14.20
CA GLU A 10 20.50 -21.25 12.92
C GLU A 10 19.94 -20.27 11.86
N LEU A 11 20.61 -20.13 10.73
CA LEU A 11 20.06 -19.29 9.63
C LEU A 11 19.16 -20.15 8.75
N ASN A 12 17.89 -19.78 8.71
CA ASN A 12 16.83 -20.38 7.93
C ASN A 12 16.58 -19.47 6.74
N VAL A 13 16.73 -20.01 5.55
CA VAL A 13 16.61 -19.20 4.31
C VAL A 13 15.29 -19.64 3.65
N TYR A 14 14.41 -18.67 3.41
CA TYR A 14 13.12 -18.94 2.74
C TYR A 14 13.01 -18.10 1.50
N SER A 15 12.64 -18.69 0.37
N SER A 15 12.54 -18.70 0.43
CA SER A 15 12.36 -17.86 -0.82
CA SER A 15 12.42 -18.03 -0.85
C SER A 15 10.86 -17.60 -0.96
C SER A 15 10.94 -17.77 -1.21
N ALA A 16 10.03 -18.55 -0.63
CA ALA A 16 8.59 -18.36 -0.87
C ALA A 16 8.04 -17.40 0.10
N PRO A 17 7.35 -16.40 -0.39
CA PRO A 17 6.68 -15.45 0.53
C PRO A 17 5.76 -16.10 1.55
N GLY A 18 4.99 -17.14 1.11
CA GLY A 18 4.13 -17.84 2.04
C GLY A 18 4.88 -18.52 3.19
N ASP A 19 6.08 -19.03 2.92
CA ASP A 19 6.88 -19.67 3.96
C ASP A 19 7.31 -18.67 5.02
N VAL A 20 7.87 -17.54 4.59
CA VAL A 20 8.29 -16.60 5.59
C VAL A 20 7.10 -16.02 6.32
N ALA A 21 5.96 -15.84 5.64
CA ALA A 21 4.80 -15.25 6.27
C ALA A 21 4.30 -16.17 7.41
N ASP A 22 4.28 -17.46 7.10
CA ASP A 22 3.80 -18.43 8.07
C ASP A 22 4.77 -18.54 9.29
N VAL A 23 6.08 -18.59 9.04
CA VAL A 23 7.04 -18.67 10.11
C VAL A 23 6.94 -17.42 10.96
N SER A 24 6.95 -16.25 10.32
CA SER A 24 6.74 -15.02 11.04
C SER A 24 5.49 -14.99 11.94
N ARG A 25 4.34 -15.39 11.43
CA ARG A 25 3.10 -15.30 12.15
C ARG A 25 3.18 -16.21 13.34
N ALA A 26 3.70 -17.39 13.09
CA ALA A 26 3.83 -18.42 14.18
C ALA A 26 4.75 -17.90 15.29
N LEU A 27 5.89 -17.31 14.94
CA LEU A 27 6.77 -16.67 15.95
C LEU A 27 6.09 -15.54 16.75
N ARG A 28 5.37 -14.69 16.07
CA ARG A 28 4.74 -13.57 16.69
C ARG A 28 3.68 -14.08 17.75
N LEU A 29 3.02 -15.15 17.38
CA LEU A 29 2.03 -15.79 18.27
C LEU A 29 2.69 -16.50 19.45
N THR A 30 3.97 -16.83 19.36
CA THR A 30 4.64 -17.42 20.52
C THR A 30 5.41 -16.44 21.32
N GLY A 31 5.04 -15.15 21.23
CA GLY A 31 5.73 -14.09 21.93
C GLY A 31 6.90 -13.36 21.28
N ARG A 32 7.53 -13.90 20.24
CA ARG A 32 8.73 -13.23 19.70
C ARG A 32 8.36 -11.92 18.96
N ARG A 33 9.16 -10.91 19.04
CA ARG A 33 8.83 -9.75 18.24
C ARG A 33 9.65 -9.78 16.95
N VAL A 34 8.97 -9.49 15.86
CA VAL A 34 9.62 -9.72 14.52
C VAL A 34 10.20 -8.42 13.96
N MET A 35 11.49 -8.45 13.68
CA MET A 35 12.23 -7.29 13.19
C MET A 35 12.59 -7.54 11.73
N LEU A 36 12.35 -6.56 10.85
CA LEU A 36 12.69 -6.65 9.45
C LEU A 36 13.79 -5.67 9.09
N VAL A 37 14.83 -6.21 8.46
CA VAL A 37 15.88 -5.47 7.85
C VAL A 37 15.80 -5.72 6.30
N PRO A 38 15.17 -4.84 5.58
CA PRO A 38 15.04 -5.04 4.11
C PRO A 38 16.24 -4.49 3.39
N THR A 39 16.87 -5.31 2.57
CA THR A 39 18.03 -4.90 1.83
C THR A 39 17.96 -5.35 0.36
N MET A 40 18.89 -4.82 -0.42
CA MET A 40 19.11 -5.29 -1.82
C MET A 40 20.40 -6.13 -1.94
N GLY A 41 20.86 -6.67 -0.81
CA GLY A 41 22.07 -7.55 -0.81
C GLY A 41 23.33 -6.68 -0.85
N ALA A 42 24.42 -7.33 -1.23
CA ALA A 42 25.73 -6.63 -1.31
C ALA A 42 26.02 -5.98 0.06
N LEU A 43 25.95 -6.81 1.08
CA LEU A 43 25.82 -6.34 2.44
C LEU A 43 27.17 -5.87 2.94
N HIS A 44 27.15 -4.82 3.70
CA HIS A 44 28.33 -4.33 4.35
C HIS A 44 28.05 -4.03 5.84
N GLU A 45 29.04 -3.48 6.51
CA GLU A 45 28.94 -3.24 7.91
C GLU A 45 27.78 -2.31 8.35
N GLY A 46 27.36 -1.42 7.48
CA GLY A 46 26.17 -0.63 7.76
C GLY A 46 24.88 -1.44 7.86
N HIS A 47 24.71 -2.37 6.97
CA HIS A 47 23.62 -3.33 7.07
C HIS A 47 23.73 -4.15 8.37
N LEU A 48 24.97 -4.56 8.72
CA LEU A 48 25.12 -5.37 9.93
C LEU A 48 24.82 -4.51 11.15
N ALA A 49 25.02 -3.18 11.09
CA ALA A 49 24.55 -2.29 12.16
C ALA A 49 23.04 -2.31 12.28
N LEU A 50 22.35 -2.38 11.16
CA LEU A 50 20.90 -2.55 11.23
C LEU A 50 20.49 -3.82 11.94
N VAL A 51 21.18 -4.91 11.61
CA VAL A 51 20.90 -6.19 12.17
C VAL A 51 21.18 -6.16 13.67
N ARG A 52 22.27 -5.52 14.06
CA ARG A 52 22.62 -5.54 15.47
C ARG A 52 21.62 -4.72 16.25
N ALA A 53 21.15 -3.63 15.70
CA ALA A 53 20.06 -2.84 16.29
C ALA A 53 18.80 -3.66 16.52
N ALA A 54 18.42 -4.42 15.50
CA ALA A 54 17.28 -5.23 15.52
C ALA A 54 17.43 -6.30 16.60
N LYS A 55 18.62 -6.92 16.64
CA LYS A 55 18.93 -7.98 17.61
C LYS A 55 18.82 -7.53 19.05
N ARG A 56 19.14 -6.27 19.33
CA ARG A 56 19.04 -5.73 20.67
C ARG A 56 17.62 -5.60 21.21
N VAL A 57 16.60 -5.65 20.36
CA VAL A 57 15.21 -5.54 20.83
C VAL A 57 14.87 -6.83 21.59
N PRO A 58 14.46 -6.72 22.91
CA PRO A 58 14.24 -7.90 23.72
C PRO A 58 13.25 -8.88 23.04
N GLY A 59 13.67 -10.13 22.95
CA GLY A 59 12.83 -11.23 22.39
C GLY A 59 12.70 -11.19 20.87
N SER A 60 13.49 -10.35 20.24
CA SER A 60 13.40 -10.21 18.78
C SER A 60 13.71 -11.52 18.07
N VAL A 61 13.11 -11.65 16.86
CA VAL A 61 13.63 -12.58 15.82
C VAL A 61 13.90 -11.65 14.64
N VAL A 62 15.05 -11.77 14.03
CA VAL A 62 15.41 -10.84 12.92
C VAL A 62 15.24 -11.59 11.61
N VAL A 63 14.48 -10.94 10.74
CA VAL A 63 14.34 -11.26 9.33
C VAL A 63 15.11 -10.28 8.51
N VAL A 64 16.05 -10.75 7.70
CA VAL A 64 16.71 -9.89 6.74
C VAL A 64 16.25 -10.31 5.34
N SER A 65 15.72 -9.36 4.58
CA SER A 65 15.24 -9.67 3.19
C SER A 65 16.36 -9.24 2.31
N ILE A 66 16.60 -10.03 1.27
CA ILE A 66 17.57 -9.68 0.20
C ILE A 66 16.82 -9.82 -1.14
N PHE A 67 16.62 -8.72 -1.83
CA PHE A 67 15.85 -8.73 -3.08
C PHE A 67 16.22 -7.53 -3.87
N VAL A 68 16.78 -7.74 -5.06
CA VAL A 68 17.12 -6.61 -5.96
C VAL A 68 15.86 -6.37 -6.72
N ASN A 69 15.15 -5.32 -6.33
CA ASN A 69 13.79 -5.06 -6.83
C ASN A 69 13.81 -4.42 -8.19
N PRO A 70 13.32 -5.13 -9.19
CA PRO A 70 13.47 -4.56 -10.56
C PRO A 70 12.63 -3.33 -10.80
N MET A 71 11.60 -3.19 -9.99
CA MET A 71 10.64 -2.05 -10.22
C MET A 71 11.08 -0.67 -9.81
N GLN A 72 12.24 -0.55 -9.21
CA GLN A 72 12.80 0.71 -8.81
C GLN A 72 14.00 1.17 -9.68
N PHE A 73 14.29 0.44 -10.76
CA PHE A 73 15.30 0.82 -11.79
C PHE A 73 14.69 1.27 -13.11
N GLY A 77 20.09 -1.36 -17.89
CA GLY A 77 21.50 -1.72 -17.58
C GLY A 77 21.92 -1.37 -16.16
N ASP A 78 21.24 -0.35 -15.62
CA ASP A 78 21.15 -0.12 -14.20
C ASP A 78 20.92 -1.42 -13.41
N LEU A 79 19.83 -2.11 -13.70
CA LEU A 79 19.41 -3.28 -12.90
C LEU A 79 20.47 -4.36 -13.03
N ASP A 80 20.96 -4.51 -14.25
CA ASP A 80 21.95 -5.59 -14.47
C ASP A 80 23.28 -5.29 -13.79
N ALA A 81 23.60 -4.00 -13.57
CA ALA A 81 24.82 -3.50 -12.97
C ALA A 81 24.83 -3.64 -11.45
N TYR A 82 23.69 -3.86 -10.83
CA TYR A 82 23.66 -3.89 -9.35
C TYR A 82 24.44 -5.07 -8.80
N PRO A 83 25.31 -4.84 -7.79
CA PRO A 83 26.18 -5.97 -7.38
C PRO A 83 25.42 -7.02 -6.69
N ARG A 84 25.72 -8.26 -7.03
CA ARG A 84 25.04 -9.40 -6.42
C ARG A 84 26.15 -10.27 -5.82
N THR A 85 26.14 -10.45 -4.49
CA THR A 85 27.21 -11.22 -3.76
C THR A 85 26.50 -12.10 -2.70
N PRO A 86 25.52 -12.94 -3.10
CA PRO A 86 24.65 -13.72 -2.19
C PRO A 86 25.42 -14.64 -1.22
N ASP A 87 26.59 -15.12 -1.65
CA ASP A 87 27.39 -16.05 -0.84
C ASP A 87 27.93 -15.27 0.36
N ASP A 88 28.54 -14.11 0.08
N ASP A 88 28.51 -14.11 0.09
CA ASP A 88 29.07 -13.28 1.12
CA ASP A 88 29.08 -13.33 1.15
C ASP A 88 27.87 -12.92 1.98
C ASP A 88 27.93 -12.76 1.96
N ASP A 89 26.76 -12.51 1.35
CA ASP A 89 25.61 -11.99 2.17
C ASP A 89 25.14 -12.97 3.21
N LEU A 90 24.92 -14.21 2.79
CA LEU A 90 24.39 -15.24 3.72
C LEU A 90 25.42 -15.63 4.79
N ALA A 91 26.68 -15.69 4.37
CA ALA A 91 27.79 -15.88 5.30
C ALA A 91 27.84 -14.82 6.39
N GLN A 92 27.70 -13.57 5.98
CA GLN A 92 27.66 -12.52 6.99
C GLN A 92 26.50 -12.61 7.94
N LEU A 93 25.30 -12.95 7.43
CA LEU A 93 24.15 -13.09 8.28
C LEU A 93 24.28 -14.23 9.32
N ARG A 94 24.80 -15.35 8.84
CA ARG A 94 25.03 -16.49 9.74
C ARG A 94 26.03 -16.09 10.88
N ALA A 95 27.07 -15.38 10.51
CA ALA A 95 28.06 -14.85 11.49
C ALA A 95 27.42 -13.86 12.50
N GLU A 96 26.42 -13.10 12.09
CA GLU A 96 25.71 -12.20 13.03
C GLU A 96 24.63 -12.86 13.84
N GLY A 97 24.41 -14.13 13.65
CA GLY A 97 23.36 -14.85 14.35
C GLY A 97 21.92 -14.60 13.92
N VAL A 98 21.74 -14.10 12.68
CA VAL A 98 20.38 -13.93 12.14
C VAL A 98 19.72 -15.27 11.93
N GLU A 99 18.47 -15.36 12.34
CA GLU A 99 17.74 -16.61 12.17
C GLU A 99 16.92 -16.79 10.91
N ILE A 100 16.54 -15.67 10.25
CA ILE A 100 15.74 -15.80 9.02
C ILE A 100 16.30 -14.83 7.95
N ALA A 101 16.55 -15.40 6.78
CA ALA A 101 16.85 -14.62 5.54
C ALA A 101 15.70 -14.90 4.57
N PHE A 102 15.15 -13.84 3.96
CA PHE A 102 14.06 -13.99 3.04
C PHE A 102 14.58 -13.52 1.64
N THR A 103 14.71 -14.50 0.72
CA THR A 103 15.37 -14.32 -0.54
C THR A 103 14.40 -14.65 -1.70
N PRO A 104 13.39 -13.82 -1.88
CA PRO A 104 12.33 -14.17 -2.88
C PRO A 104 12.86 -14.05 -4.32
N THR A 105 12.16 -14.74 -5.23
CA THR A 105 12.39 -14.57 -6.66
C THR A 105 11.57 -13.41 -7.21
N THR A 106 11.96 -12.83 -8.34
CA THR A 106 11.20 -11.80 -8.97
C THR A 106 9.79 -12.32 -9.30
N ALA A 107 9.66 -13.53 -9.77
CA ALA A 107 8.35 -14.11 -10.11
C ALA A 107 7.44 -14.25 -8.89
N ALA A 108 8.02 -14.60 -7.73
CA ALA A 108 7.23 -14.70 -6.54
C ALA A 108 6.71 -13.34 -6.07
N MET A 109 7.54 -12.30 -6.21
CA MET A 109 7.09 -10.96 -5.81
C MET A 109 6.16 -10.33 -6.80
N TYR A 110 6.36 -10.60 -8.12
CA TYR A 110 5.64 -9.84 -9.20
C TYR A 110 5.02 -10.91 -10.19
N PRO A 111 4.19 -11.85 -9.66
CA PRO A 111 3.61 -12.85 -10.54
C PRO A 111 2.73 -12.30 -11.62
N ASP A 112 2.16 -11.12 -11.38
CA ASP A 112 1.30 -10.47 -12.36
C ASP A 112 1.94 -9.27 -13.03
N GLY A 113 3.25 -9.12 -12.89
CA GLY A 113 3.95 -7.97 -13.37
C GLY A 113 3.54 -6.72 -12.61
N LEU A 114 3.68 -5.59 -13.25
CA LEU A 114 3.25 -4.32 -12.64
C LEU A 114 1.81 -4.09 -12.80
N ARG A 115 1.13 -3.97 -11.66
CA ARG A 115 -0.36 -3.79 -11.65
C ARG A 115 -0.72 -2.69 -10.63
N THR A 116 -1.15 -3.05 -9.42
CA THR A 116 -1.39 -2.06 -8.41
C THR A 116 -0.02 -1.61 -7.88
N THR A 117 0.16 -0.32 -7.69
CA THR A 117 1.41 0.24 -7.18
C THR A 117 1.14 1.34 -6.18
N VAL A 118 2.16 1.67 -5.44
CA VAL A 118 2.15 2.81 -4.52
C VAL A 118 2.57 4.02 -5.22
N GLN A 119 1.74 5.07 -5.11
CA GLN A 119 2.04 6.36 -5.66
C GLN A 119 2.51 7.30 -4.52
N PRO A 120 3.82 7.61 -4.43
CA PRO A 120 4.28 8.46 -3.37
C PRO A 120 3.70 9.84 -3.49
N GLY A 121 3.77 10.57 -2.38
CA GLY A 121 3.58 11.99 -2.44
C GLY A 121 4.63 12.79 -3.17
N PRO A 122 4.48 14.14 -3.22
CA PRO A 122 5.30 15.00 -4.08
C PRO A 122 6.82 14.94 -3.80
N LEU A 123 7.20 14.51 -2.59
CA LEU A 123 8.61 14.37 -2.23
C LEU A 123 9.33 13.46 -3.21
N ALA A 124 8.63 12.47 -3.78
CA ALA A 124 9.25 11.55 -4.68
C ALA A 124 9.72 12.16 -5.97
N ALA A 125 9.26 13.35 -6.28
CA ALA A 125 9.73 14.00 -7.50
C ALA A 125 10.83 14.99 -7.25
N GLU A 126 11.32 15.06 -6.02
N GLU A 126 11.25 15.08 -5.98
CA GLU A 126 12.44 15.94 -5.77
CA GLU A 126 12.36 15.95 -5.53
C GLU A 126 13.70 15.21 -5.49
C GLU A 126 13.70 15.21 -5.51
N LEU A 127 14.80 15.98 -5.49
CA LEU A 127 16.08 15.41 -5.11
C LEU A 127 16.37 14.14 -5.96
N GLU A 128 16.52 12.98 -5.32
CA GLU A 128 16.91 11.79 -6.08
C GLU A 128 15.87 11.43 -7.12
N GLY A 129 14.63 11.79 -6.83
CA GLY A 129 13.50 11.37 -7.69
C GLY A 129 13.30 12.29 -8.91
N GLY A 130 13.92 13.46 -8.94
CA GLY A 130 13.62 14.47 -10.01
C GLY A 130 13.93 13.85 -11.39
N PRO A 131 15.10 13.20 -11.58
CA PRO A 131 15.44 12.61 -12.86
C PRO A 131 14.97 11.17 -13.03
N ARG A 132 14.39 10.60 -11.97
CA ARG A 132 14.01 9.18 -11.93
C ARG A 132 12.56 9.03 -11.50
N PRO A 133 11.57 9.41 -12.30
N PRO A 133 11.68 9.49 -12.40
CA PRO A 133 10.25 9.69 -11.69
CA PRO A 133 10.34 9.15 -12.25
C PRO A 133 9.32 8.61 -11.00
C PRO A 133 10.22 7.65 -12.18
N THR A 134 9.43 7.31 -11.26
CA THR A 134 8.98 6.00 -10.83
C THR A 134 9.90 5.36 -9.79
N HIS A 135 11.11 5.88 -9.53
CA HIS A 135 12.04 5.17 -8.63
C HIS A 135 11.39 4.93 -7.26
N PHE A 136 10.89 5.96 -6.62
CA PHE A 136 10.38 5.83 -5.26
C PHE A 136 8.99 5.14 -5.19
N ALA A 137 8.20 5.19 -6.26
CA ALA A 137 7.09 4.33 -6.41
C ALA A 137 7.52 2.85 -6.33
N GLY A 138 8.60 2.52 -7.01
CA GLY A 138 9.09 1.14 -7.06
C GLY A 138 9.54 0.75 -5.66
N VAL A 139 10.27 1.67 -5.01
CA VAL A 139 10.75 1.40 -3.66
C VAL A 139 9.58 1.20 -2.67
N LEU A 140 8.63 2.15 -2.67
CA LEU A 140 7.52 2.02 -1.69
C LEU A 140 6.63 0.86 -1.95
N THR A 141 6.48 0.49 -3.21
CA THR A 141 5.68 -0.67 -3.56
C THR A 141 6.34 -1.97 -3.00
N VAL A 142 7.65 -2.11 -3.20
CA VAL A 142 8.28 -3.32 -2.68
C VAL A 142 8.32 -3.27 -1.15
N VAL A 143 8.54 -2.11 -0.52
CA VAL A 143 8.63 -2.10 0.89
C VAL A 143 7.25 -2.48 1.47
N LEU A 144 6.15 -1.89 0.91
CA LEU A 144 4.79 -2.27 1.33
C LEU A 144 4.63 -3.78 1.30
N LYS A 145 5.03 -4.38 0.17
CA LYS A 145 4.86 -5.82 0.02
C LYS A 145 5.65 -6.61 1.05
N LEU A 146 6.87 -6.22 1.30
CA LEU A 146 7.73 -6.91 2.30
C LEU A 146 7.18 -6.75 3.71
N LEU A 147 6.60 -5.59 4.02
CA LEU A 147 5.98 -5.38 5.30
C LEU A 147 4.70 -6.25 5.45
N GLN A 148 3.91 -6.43 4.40
CA GLN A 148 2.74 -7.22 4.44
C GLN A 148 3.05 -8.71 4.55
N ILE A 149 4.12 -9.13 3.91
CA ILE A 149 4.54 -10.50 3.91
C ILE A 149 5.01 -10.88 5.28
N VAL A 150 5.89 -10.04 5.79
CA VAL A 150 6.68 -10.38 7.02
C VAL A 150 5.92 -9.95 8.25
N ARG A 151 5.16 -8.86 8.17
CA ARG A 151 4.42 -8.31 9.29
C ARG A 151 5.29 -8.13 10.48
N PRO A 152 6.38 -7.39 10.34
CA PRO A 152 7.19 -7.05 11.50
C PRO A 152 6.62 -6.03 12.44
N ASP A 153 7.13 -6.11 13.69
CA ASP A 153 6.80 -5.02 14.67
C ASP A 153 7.59 -3.73 14.41
N ARG A 154 8.83 -3.90 13.92
CA ARG A 154 9.70 -2.82 13.59
C ARG A 154 10.48 -3.12 12.31
N VAL A 155 10.79 -2.08 11.59
CA VAL A 155 11.60 -2.18 10.34
C VAL A 155 12.74 -1.18 10.37
N PHE A 156 13.91 -1.64 9.96
CA PHE A 156 15.16 -0.89 10.17
C PHE A 156 15.78 -0.43 8.84
N PHE A 157 16.16 0.84 8.75
CA PHE A 157 16.86 1.39 7.60
C PHE A 157 18.04 2.22 8.05
N GLY A 158 19.06 2.31 7.19
CA GLY A 158 20.07 3.36 7.37
C GLY A 158 19.58 4.78 7.11
N GLU A 159 20.23 5.74 7.72
CA GLU A 159 19.95 7.15 7.48
C GLU A 159 20.67 7.69 6.21
N LYS A 160 21.55 6.95 5.56
CA LYS A 160 22.29 7.50 4.47
C LYS A 160 21.35 7.92 3.32
N ASP A 161 20.40 7.02 3.00
CA ASP A 161 19.38 7.31 1.98
C ASP A 161 18.22 7.94 2.75
N TYR A 162 18.43 9.20 3.12
CA TYR A 162 17.53 9.87 4.01
C TYR A 162 16.17 10.17 3.37
N GLN A 163 16.21 10.56 2.12
CA GLN A 163 14.95 10.76 1.39
C GLN A 163 14.10 9.51 1.34
N GLN A 164 14.73 8.35 1.05
CA GLN A 164 14.02 7.12 1.04
C GLN A 164 13.38 6.82 2.40
N LEU A 165 14.15 7.08 3.49
CA LEU A 165 13.67 6.90 4.82
C LEU A 165 12.51 7.77 5.10
N VAL A 166 12.54 9.02 4.74
CA VAL A 166 11.40 9.88 5.00
C VAL A 166 10.13 9.37 4.25
N LEU A 167 10.34 8.97 2.99
CA LEU A 167 9.21 8.48 2.22
C LEU A 167 8.64 7.21 2.82
N ILE A 168 9.49 6.31 3.33
CA ILE A 168 8.99 5.17 4.06
C ILE A 168 8.17 5.53 5.29
N ARG A 169 8.62 6.56 6.03
CA ARG A 169 7.81 7.06 7.16
C ARG A 169 6.48 7.54 6.61
N GLN A 170 6.46 8.18 5.47
CA GLN A 170 5.19 8.68 4.92
C GLN A 170 4.30 7.53 4.51
N LEU A 171 4.84 6.46 3.93
CA LEU A 171 4.06 5.28 3.60
C LEU A 171 3.37 4.70 4.84
N VAL A 172 4.17 4.51 5.90
CA VAL A 172 3.73 3.96 7.14
C VAL A 172 2.57 4.77 7.74
N ALA A 173 2.78 6.09 7.80
CA ALA A 173 1.74 6.99 8.33
C ALA A 173 0.48 6.96 7.46
N ASP A 174 0.66 7.15 6.16
CA ASP A 174 -0.37 7.40 5.22
C ASP A 174 -1.28 6.22 4.98
N PHE A 175 -0.70 5.01 5.10
CA PHE A 175 -1.53 3.81 4.95
C PHE A 175 -1.77 3.10 6.33
N ASN A 176 -1.55 3.79 7.47
CA ASN A 176 -1.90 3.29 8.80
C ASN A 176 -1.22 1.95 9.03
N LEU A 177 0.02 1.79 8.57
CA LEU A 177 0.70 0.48 8.81
C LEU A 177 1.11 0.35 10.24
N ASP A 178 0.97 -0.87 10.76
N ASP A 178 0.96 -0.78 10.89
CA ASP A 178 1.20 -1.12 12.19
CA ASP A 178 1.16 -0.67 12.37
C ASP A 178 2.61 -1.64 12.35
C ASP A 178 2.56 -1.10 12.86
N VAL A 179 3.55 -0.73 12.07
CA VAL A 179 5.00 -1.04 12.20
C VAL A 179 5.72 0.20 12.62
N ALA A 180 6.73 0.08 13.46
CA ALA A 180 7.58 1.18 13.80
C ALA A 180 8.77 1.22 12.86
N VAL A 181 8.99 2.39 12.33
CA VAL A 181 10.16 2.62 11.50
C VAL A 181 11.34 3.17 12.31
N VAL A 182 12.47 2.48 12.20
CA VAL A 182 13.71 2.78 12.96
C VAL A 182 14.82 3.15 11.99
N GLY A 183 15.30 4.40 12.09
CA GLY A 183 16.41 4.90 11.36
C GLY A 183 17.67 4.77 12.18
N VAL A 184 18.67 4.18 11.57
CA VAL A 184 19.95 3.93 12.24
C VAL A 184 21.05 4.78 11.67
N PRO A 185 21.79 5.47 12.54
CA PRO A 185 22.78 6.42 11.95
C PRO A 185 23.83 5.72 11.07
N THR A 186 24.22 6.44 10.04
CA THR A 186 25.07 5.92 8.98
C THR A 186 26.38 5.44 9.59
N VAL A 187 26.75 4.20 9.29
CA VAL A 187 28.08 3.71 9.64
C VAL A 187 29.07 4.31 8.59
N ARG A 188 30.24 4.69 9.08
CA ARG A 188 31.25 5.33 8.21
C ARG A 188 32.61 4.64 8.27
N GLU A 189 33.34 4.75 7.16
CA GLU A 189 34.76 4.39 7.11
C GLU A 189 35.54 5.29 8.08
N ALA A 190 36.78 4.96 8.36
CA ALA A 190 37.56 5.70 9.37
C ALA A 190 37.76 7.20 9.04
N ASP A 191 37.78 7.53 7.77
CA ASP A 191 37.97 8.85 7.32
C ASP A 191 36.64 9.62 7.28
N GLY A 192 35.51 8.93 7.52
CA GLY A 192 34.19 9.61 7.42
C GLY A 192 33.31 9.17 6.24
N LEU A 193 33.86 8.50 5.24
CA LEU A 193 33.10 8.13 4.05
C LEU A 193 31.92 7.26 4.46
N ALA A 194 30.70 7.60 4.07
CA ALA A 194 29.54 6.76 4.33
C ALA A 194 29.71 5.37 3.70
N MET A 195 29.44 4.35 4.50
CA MET A 195 29.44 2.97 3.94
C MET A 195 28.42 2.93 2.82
N SER A 196 28.77 2.30 1.70
CA SER A 196 27.84 2.10 0.62
C SER A 196 28.28 0.89 -0.24
N SER A 197 27.27 0.13 -0.72
CA SER A 197 27.56 -0.96 -1.68
C SER A 197 28.14 -0.35 -2.97
N ARG A 198 28.02 0.94 -3.22
CA ARG A 198 28.61 1.55 -4.40
C ARG A 198 30.11 1.98 -4.24
N ASN A 199 30.61 1.97 -3.03
CA ASN A 199 31.98 2.39 -2.79
C ASN A 199 33.02 1.54 -3.55
N ARG A 200 32.60 0.32 -3.79
CA ARG A 200 33.50 -0.65 -4.51
C ARG A 200 33.80 -0.15 -5.90
N TYR A 201 32.98 0.76 -6.44
CA TYR A 201 33.22 1.33 -7.76
C TYR A 201 34.12 2.58 -7.77
N LEU A 202 34.71 2.90 -6.62
CA LEU A 202 35.70 4.01 -6.55
C LEU A 202 37.09 3.46 -6.78
N ASP A 203 37.81 4.02 -7.77
CA ASP A 203 39.25 3.70 -7.91
C ASP A 203 40.01 4.42 -6.82
N PRO A 204 41.31 4.19 -6.69
CA PRO A 204 41.99 4.74 -5.54
C PRO A 204 41.94 6.25 -5.42
N ALA A 205 42.06 6.92 -6.54
CA ALA A 205 41.97 8.38 -6.56
C ALA A 205 40.62 8.85 -6.20
N GLN A 206 39.61 8.19 -6.76
CA GLN A 206 38.19 8.59 -6.42
C GLN A 206 37.93 8.28 -4.99
N ARG A 207 38.41 7.18 -4.40
CA ARG A 207 38.19 6.91 -3.01
C ARG A 207 38.79 7.97 -2.09
N ALA A 208 39.98 8.48 -2.46
CA ALA A 208 40.62 9.56 -1.72
C ALA A 208 39.78 10.82 -1.77
N ALA A 209 39.29 11.13 -2.93
CA ALA A 209 38.53 12.40 -3.15
C ALA A 209 37.18 12.29 -2.44
N ALA A 210 36.65 11.08 -2.34
CA ALA A 210 35.27 10.86 -1.83
C ALA A 210 35.05 11.30 -0.36
N VAL A 211 36.17 11.46 0.36
N VAL A 211 36.08 11.38 0.46
CA VAL A 211 36.23 11.95 1.73
CA VAL A 211 35.89 11.88 1.81
C VAL A 211 35.59 13.32 1.75
C VAL A 211 35.39 13.32 1.73
N ALA A 212 35.56 14.00 0.63
CA ALA A 212 35.04 15.42 0.60
C ALA A 212 33.56 15.49 0.94
N LEU A 213 32.79 14.45 0.67
CA LEU A 213 31.34 14.56 1.03
C LEU A 213 31.12 14.74 2.51
N SER A 214 31.64 13.81 3.31
CA SER A 214 31.50 13.84 4.71
C SER A 214 32.26 15.01 5.33
N ALA A 215 33.41 15.34 4.82
CA ALA A 215 34.13 16.52 5.31
C ALA A 215 33.28 17.78 5.11
N ALA A 216 32.70 17.92 3.94
CA ALA A 216 31.81 19.08 3.64
C ALA A 216 30.68 19.13 4.62
N LEU A 217 29.98 18.02 4.83
CA LEU A 217 28.82 17.98 5.72
C LEU A 217 29.17 18.31 7.15
N THR A 218 30.24 17.72 7.72
N THR A 218 30.30 17.77 7.63
CA THR A 218 30.67 18.03 9.11
CA THR A 218 30.70 17.93 9.00
C THR A 218 31.12 19.48 9.19
C THR A 218 31.21 19.37 9.20
N ALA A 219 31.81 19.98 8.17
CA ALA A 219 32.26 21.39 8.15
C ALA A 219 31.01 22.29 8.29
N ALA A 220 29.98 21.92 7.56
CA ALA A 220 28.72 22.74 7.52
C ALA A 220 28.06 22.64 8.88
N ALA A 221 28.03 21.49 9.52
CA ALA A 221 27.29 21.29 10.79
C ALA A 221 27.92 22.19 11.85
N HIS A 222 29.21 22.41 11.77
CA HIS A 222 29.93 23.25 12.74
C HIS A 222 29.85 24.71 12.40
N ALA A 223 29.99 25.04 11.13
CA ALA A 223 29.77 26.40 10.61
C ALA A 223 28.41 26.91 10.94
N ALA A 224 27.42 26.05 11.20
CA ALA A 224 25.98 26.48 11.26
C ALA A 224 25.68 27.41 12.42
N THR A 225 26.65 27.63 13.33
CA THR A 225 26.39 28.56 14.43
C THR A 225 26.32 29.91 13.81
N ALA A 226 26.96 30.11 12.65
CA ALA A 226 26.94 31.37 11.91
C ALA A 226 25.80 31.48 10.86
N GLY A 227 24.93 30.49 10.82
CA GLY A 227 23.76 30.56 9.96
C GLY A 227 23.77 29.66 8.80
N ALA A 228 22.63 29.62 8.10
CA ALA A 228 22.46 28.70 6.96
C ALA A 228 23.45 29.05 5.80
N GLN A 229 23.62 30.31 5.43
CA GLN A 229 24.50 30.64 4.37
C GLN A 229 25.97 30.18 4.63
N ALA A 230 26.44 30.40 5.86
CA ALA A 230 27.79 30.01 6.25
C ALA A 230 27.91 28.53 6.19
N ALA A 231 26.91 27.78 6.63
CA ALA A 231 26.94 26.29 6.59
C ALA A 231 27.07 25.84 5.14
N LEU A 232 26.17 26.31 4.27
CA LEU A 232 26.19 25.87 2.90
C LEU A 232 27.45 26.29 2.21
N ASP A 233 27.98 27.47 2.51
CA ASP A 233 29.15 27.95 1.81
C ASP A 233 30.41 27.19 2.28
N ALA A 234 30.43 26.75 3.55
CA ALA A 234 31.54 25.91 4.04
C ALA A 234 31.54 24.58 3.30
N ALA A 235 30.38 24.00 3.18
CA ALA A 235 30.30 22.67 2.51
C ALA A 235 30.69 22.83 1.06
N ARG A 236 30.21 23.89 0.40
CA ARG A 236 30.52 24.09 -1.04
C ARG A 236 32.04 24.23 -1.24
N ALA A 237 32.68 24.94 -0.32
CA ALA A 237 34.10 25.15 -0.44
C ALA A 237 34.90 23.84 -0.40
N VAL A 238 34.52 22.95 0.50
CA VAL A 238 35.20 21.66 0.67
C VAL A 238 34.92 20.92 -0.65
N LEU A 239 33.66 20.86 -1.11
CA LEU A 239 33.36 20.13 -2.38
C LEU A 239 34.16 20.67 -3.57
N ASP A 240 34.26 21.97 -3.66
CA ASP A 240 35.03 22.65 -4.70
C ASP A 240 36.53 22.43 -4.63
N ALA A 241 37.07 22.12 -3.47
CA ALA A 241 38.53 21.86 -3.33
C ALA A 241 38.85 20.42 -3.75
N ALA A 242 37.82 19.57 -4.03
CA ALA A 242 38.05 18.14 -4.19
C ALA A 242 38.15 17.82 -5.63
N PRO A 243 39.24 17.12 -5.97
CA PRO A 243 39.43 16.89 -7.38
C PRO A 243 38.49 15.86 -7.85
N GLY A 244 37.77 16.16 -8.91
CA GLY A 244 37.05 15.10 -9.61
C GLY A 244 35.71 14.83 -8.99
N VAL A 245 35.28 15.71 -8.08
CA VAL A 245 33.98 15.62 -7.52
C VAL A 245 33.01 16.55 -8.21
N ALA A 246 32.00 15.95 -8.84
CA ALA A 246 31.00 16.72 -9.55
C ALA A 246 29.67 16.69 -8.80
N VAL A 247 29.32 17.85 -8.25
CA VAL A 247 28.16 17.92 -7.37
C VAL A 247 26.86 17.96 -8.16
N ASP A 248 25.88 17.10 -7.83
N ASP A 248 25.94 17.05 -7.84
CA ASP A 248 24.56 17.11 -8.47
CA ASP A 248 24.62 17.01 -8.39
C ASP A 248 23.60 18.00 -7.70
C ASP A 248 23.84 18.08 -7.68
N TYR A 249 23.64 17.91 -6.36
CA TYR A 249 22.95 18.94 -5.53
C TYR A 249 23.58 18.98 -4.12
N LEU A 250 23.35 20.10 -3.44
CA LEU A 250 23.69 20.32 -2.06
C LEU A 250 22.55 21.15 -1.51
N GLU A 251 21.71 20.56 -0.68
CA GLU A 251 20.47 21.25 -0.22
C GLU A 251 20.26 21.10 1.22
N LEU A 252 19.92 22.21 1.86
CA LEU A 252 19.55 22.22 3.22
C LEU A 252 18.05 22.35 3.35
N ARG A 253 17.42 21.37 3.93
CA ARG A 253 15.96 21.36 4.01
C ARG A 253 15.53 21.16 5.42
N ASP A 254 14.23 21.43 5.68
CA ASP A 254 13.65 20.95 6.93
C ASP A 254 13.85 19.45 7.14
N ILE A 255 13.79 18.88 8.35
CA ILE A 255 14.04 17.44 8.57
C ILE A 255 13.07 16.45 7.91
N GLY A 256 11.84 16.85 7.70
CA GLY A 256 10.93 16.05 6.92
C GLY A 256 11.01 16.26 5.44
N LEU A 257 11.90 17.15 4.96
CA LEU A 257 12.11 17.38 3.53
C LEU A 257 10.83 17.86 2.84
N GLY A 258 9.87 18.28 3.69
CA GLY A 258 8.44 18.54 3.30
C GLY A 258 8.26 20.00 2.88
N PRO A 259 7.02 20.40 2.63
CA PRO A 259 6.69 21.74 2.12
C PRO A 259 6.68 22.76 3.25
N MET A 260 7.78 22.84 3.99
CA MET A 260 7.93 23.81 5.05
C MET A 260 9.38 24.28 5.12
N PRO A 261 9.56 25.58 5.43
CA PRO A 261 10.91 26.14 5.40
C PRO A 261 11.71 25.56 6.56
N LEU A 262 13.03 25.66 6.42
CA LEU A 262 13.96 25.34 7.44
C LEU A 262 13.65 26.27 8.63
N ASN A 263 13.45 25.70 9.80
CA ASN A 263 13.52 26.44 11.10
C ASN A 263 14.85 26.21 11.88
N GLY A 264 14.77 25.72 13.13
CA GLY A 264 15.98 25.39 13.88
C GLY A 264 16.74 24.16 13.42
N SER A 265 15.99 23.12 13.02
CA SER A 265 16.59 21.81 12.71
C SER A 265 16.42 21.45 11.25
N GLY A 266 17.51 21.07 10.62
CA GLY A 266 17.50 20.79 9.20
C GLY A 266 18.27 19.49 8.92
N ARG A 267 18.27 19.15 7.66
CA ARG A 267 19.11 18.05 7.17
C ARG A 267 19.76 18.61 5.95
N LEU A 268 21.10 18.41 5.82
CA LEU A 268 21.83 18.85 4.71
C LEU A 268 22.19 17.62 3.89
N LEU A 269 21.80 17.67 2.63
CA LEU A 269 21.88 16.55 1.72
C LEU A 269 22.82 16.81 0.66
N VAL A 270 23.66 15.84 0.30
CA VAL A 270 24.52 16.04 -0.85
C VAL A 270 24.47 14.82 -1.80
N ALA A 271 24.50 15.05 -3.10
CA ALA A 271 24.83 14.01 -4.05
C ALA A 271 25.87 14.43 -5.00
N ALA A 272 26.86 13.59 -5.33
CA ALA A 272 27.91 14.04 -6.21
C ALA A 272 28.40 12.81 -6.98
N ARG A 273 28.99 13.04 -8.14
CA ARG A 273 29.48 11.96 -8.99
C ARG A 273 31.01 12.01 -8.99
N LEU A 274 31.58 10.83 -8.85
CA LEU A 274 32.96 10.61 -8.95
C LEU A 274 33.11 9.62 -10.12
N GLY A 275 33.49 10.14 -11.29
CA GLY A 275 33.44 9.31 -12.55
C GLY A 275 31.98 8.91 -12.75
N THR A 276 31.71 7.61 -12.84
CA THR A 276 30.37 7.18 -13.06
C THR A 276 29.62 6.86 -11.74
N THR A 277 30.33 6.93 -10.62
CA THR A 277 29.77 6.58 -9.30
C THR A 277 29.07 7.78 -8.62
N ARG A 278 27.79 7.58 -8.35
CA ARG A 278 27.02 8.62 -7.66
C ARG A 278 26.99 8.29 -6.17
N LEU A 279 27.48 9.23 -5.36
CA LEU A 279 27.53 9.07 -3.92
C LEU A 279 26.56 10.04 -3.28
N LEU A 280 25.93 9.57 -2.23
CA LEU A 280 25.01 10.38 -1.42
C LEU A 280 25.58 10.47 -0.01
N ASP A 281 25.19 11.51 0.71
CA ASP A 281 25.43 11.59 2.14
C ASP A 281 24.53 12.70 2.70
N ASN A 282 24.36 12.74 3.99
CA ASN A 282 23.53 13.82 4.68
C ASN A 282 23.97 13.90 6.12
N ILE A 283 23.59 15.00 6.75
CA ILE A 283 23.84 15.18 8.15
C ILE A 283 22.71 16.06 8.71
N ALA A 284 22.54 15.85 10.00
CA ALA A 284 21.71 16.77 10.83
C ALA A 284 22.40 18.10 10.96
N ILE A 285 21.63 19.17 10.91
CA ILE A 285 22.19 20.52 11.05
C ILE A 285 21.27 21.26 12.05
N GLU A 286 21.89 21.97 12.97
CA GLU A 286 21.15 22.83 13.92
C GLU A 286 21.57 24.22 13.57
N ILE A 287 20.61 25.11 13.32
CA ILE A 287 20.98 26.44 12.85
C ILE A 287 21.14 27.36 14.07
N GLY A 288 22.27 28.09 14.19
CA GLY A 288 22.51 29.00 15.39
C GLY A 288 22.62 28.34 16.76
N THR A 289 23.36 27.24 16.77
CA THR A 289 22.89 25.90 17.31
C THR A 289 21.84 25.84 18.42
N ALA B 2 -3.60 0.98 27.87
CA ALA B 2 -5.00 0.58 28.15
C ALA B 2 -5.87 0.43 26.88
N ILE B 3 -6.55 -0.72 26.70
CA ILE B 3 -7.43 -0.91 25.53
C ILE B 3 -8.62 0.07 25.72
N PRO B 4 -9.11 0.74 24.64
CA PRO B 4 -10.32 1.56 24.81
C PRO B 4 -11.46 0.69 25.32
N ALA B 5 -12.45 1.29 25.97
CA ALA B 5 -13.61 0.49 26.38
C ALA B 5 -14.35 -0.23 25.19
N PHE B 6 -14.81 -1.44 25.45
CA PHE B 6 -15.57 -2.31 24.57
C PHE B 6 -16.51 -3.20 25.40
N HIS B 7 -17.80 -3.07 25.10
CA HIS B 7 -18.87 -3.82 25.74
C HIS B 7 -19.43 -4.83 24.79
N PRO B 8 -19.10 -6.12 24.99
CA PRO B 8 -19.67 -7.14 24.13
C PRO B 8 -21.16 -7.14 24.06
N GLY B 9 -21.68 -7.40 22.86
CA GLY B 9 -23.13 -7.48 22.64
C GLY B 9 -23.83 -6.14 22.65
N GLU B 10 -23.10 -5.05 22.69
CA GLU B 10 -23.66 -3.70 22.50
C GLU B 10 -23.04 -3.07 21.19
N LEU B 11 -23.62 -2.02 20.64
CA LEU B 11 -22.98 -1.26 19.62
C LEU B 11 -21.96 -0.32 20.23
N ASN B 12 -20.69 -0.50 19.90
CA ASN B 12 -19.63 0.36 20.39
C ASN B 12 -19.16 1.22 19.23
N VAL B 13 -19.14 2.50 19.43
CA VAL B 13 -18.81 3.46 18.40
C VAL B 13 -17.47 4.11 18.64
N TYR B 14 -16.59 4.13 17.62
CA TYR B 14 -15.29 4.73 17.75
C TYR B 14 -15.05 5.58 16.50
N SER B 15 -14.58 6.79 16.72
N SER B 15 -14.57 6.79 16.69
CA SER B 15 -14.21 7.70 15.65
CA SER B 15 -14.18 7.64 15.56
C SER B 15 -12.71 7.83 15.42
C SER B 15 -12.69 7.72 15.36
N ALA B 16 -11.89 7.34 16.36
CA ALA B 16 -10.44 7.45 16.27
C ALA B 16 -9.89 6.16 15.67
N PRO B 17 -9.14 6.27 14.60
CA PRO B 17 -8.51 5.08 14.03
C PRO B 17 -7.71 4.29 15.00
N GLY B 18 -6.87 4.91 15.84
CA GLY B 18 -6.18 4.14 16.86
C GLY B 18 -7.03 3.37 17.85
N ASP B 19 -8.19 3.88 18.24
CA ASP B 19 -9.08 3.19 19.11
C ASP B 19 -9.63 1.95 18.45
N VAL B 20 -10.19 2.06 17.25
CA VAL B 20 -10.74 0.85 16.63
C VAL B 20 -9.62 -0.22 16.39
N ALA B 21 -8.44 0.28 16.10
CA ALA B 21 -7.29 -0.58 15.80
C ALA B 21 -6.97 -1.34 17.08
N ASP B 22 -6.91 -0.61 18.22
CA ASP B 22 -6.59 -1.35 19.48
C ASP B 22 -7.65 -2.38 19.90
N VAL B 23 -8.91 -1.99 19.79
CA VAL B 23 -10.02 -2.87 20.13
C VAL B 23 -10.03 -4.10 19.23
N SER B 24 -9.79 -3.89 17.93
CA SER B 24 -9.78 -5.01 17.00
C SER B 24 -8.66 -5.99 17.36
N ARG B 25 -7.51 -5.45 17.67
CA ARG B 25 -6.36 -6.27 18.08
C ARG B 25 -6.65 -7.04 19.32
N ALA B 26 -7.24 -6.37 20.30
CA ALA B 26 -7.61 -7.10 21.50
C ALA B 26 -8.63 -8.23 21.25
N LEU B 27 -9.61 -8.00 20.37
CA LEU B 27 -10.65 -8.95 20.11
C LEU B 27 -10.07 -10.19 19.40
N ARG B 28 -9.22 -9.96 18.43
CA ARG B 28 -8.56 -11.05 17.71
C ARG B 28 -7.83 -11.89 18.80
N LEU B 29 -7.18 -11.23 19.73
CA LEU B 29 -6.39 -12.00 20.78
C LEU B 29 -7.33 -12.74 21.77
N THR B 30 -8.62 -12.45 21.78
CA THR B 30 -9.59 -13.15 22.66
C THR B 30 -10.37 -14.28 21.97
N GLY B 31 -10.03 -14.61 20.74
CA GLY B 31 -10.85 -15.54 20.00
C GLY B 31 -11.45 -14.98 18.73
N ARG B 32 -12.02 -13.79 18.79
CA ARG B 32 -13.00 -13.45 17.77
C ARG B 32 -12.35 -13.36 16.40
N ARG B 33 -13.16 -13.51 15.35
CA ARG B 33 -12.73 -13.37 13.93
C ARG B 33 -13.36 -12.02 13.56
N VAL B 34 -12.52 -11.08 13.23
CA VAL B 34 -12.93 -9.72 12.89
C VAL B 34 -13.42 -9.57 11.46
N MET B 35 -14.66 -9.11 11.25
CA MET B 35 -15.22 -8.93 9.94
C MET B 35 -15.40 -7.45 9.65
N LEU B 36 -15.01 -6.99 8.48
CA LEU B 36 -15.20 -5.59 8.14
C LEU B 36 -16.21 -5.41 7.01
N VAL B 37 -17.13 -4.46 7.21
CA VAL B 37 -18.07 -4.11 6.17
C VAL B 37 -17.92 -2.61 5.99
N PRO B 38 -17.21 -2.18 4.92
CA PRO B 38 -17.01 -0.75 4.71
C PRO B 38 -18.21 -0.15 3.97
N THR B 39 -18.72 1.00 4.47
CA THR B 39 -19.89 1.67 3.89
C THR B 39 -19.63 3.18 3.89
N MET B 40 -20.49 3.87 3.12
CA MET B 40 -20.58 5.31 3.22
C MET B 40 -21.82 5.81 3.98
N GLY B 41 -22.39 5.00 4.87
CA GLY B 41 -23.60 5.40 5.60
C GLY B 41 -24.86 5.34 4.72
N ALA B 42 -25.99 5.88 5.19
CA ALA B 42 -27.27 5.74 4.48
C ALA B 42 -27.51 4.31 4.14
N LEU B 43 -27.51 3.53 5.22
CA LEU B 43 -27.52 2.11 5.13
C LEU B 43 -28.85 1.61 4.53
N HIS B 44 -28.75 0.69 3.61
CA HIS B 44 -29.89 0.06 2.99
C HIS B 44 -29.80 -1.44 2.99
N GLU B 45 -30.70 -2.09 2.28
CA GLU B 45 -30.85 -3.51 2.38
C GLU B 45 -29.65 -4.23 1.79
N GLY B 46 -28.91 -3.55 0.92
CA GLY B 46 -27.68 -4.18 0.36
C GLY B 46 -26.64 -4.29 1.46
N HIS B 47 -26.52 -3.24 2.22
CA HIS B 47 -25.63 -3.29 3.47
C HIS B 47 -26.12 -4.31 4.49
N LEU B 48 -27.42 -4.40 4.74
CA LEU B 48 -27.92 -5.48 5.58
C LEU B 48 -27.40 -6.84 5.11
N ALA B 49 -27.42 -7.08 3.81
CA ALA B 49 -26.90 -8.34 3.33
C ALA B 49 -25.41 -8.52 3.62
N LEU B 50 -24.62 -7.46 3.53
CA LEU B 50 -23.17 -7.53 3.82
C LEU B 50 -23.00 -7.86 5.32
N VAL B 51 -23.78 -7.18 6.13
CA VAL B 51 -23.72 -7.43 7.59
C VAL B 51 -24.17 -8.82 7.93
N ARG B 52 -25.24 -9.32 7.31
CA ARG B 52 -25.63 -10.68 7.62
C ARG B 52 -24.68 -11.77 7.23
N ALA B 53 -24.04 -11.54 6.09
CA ALA B 53 -23.03 -12.47 5.64
C ALA B 53 -21.88 -12.48 6.68
N ALA B 54 -21.52 -11.31 7.14
CA ALA B 54 -20.41 -11.20 8.13
C ALA B 54 -20.80 -11.85 9.47
N LYS B 55 -22.03 -11.60 9.94
CA LYS B 55 -22.48 -12.17 11.21
C LYS B 55 -22.46 -13.64 11.25
N ARG B 56 -22.66 -14.33 10.13
CA ARG B 56 -22.79 -15.76 10.26
C ARG B 56 -21.50 -16.51 10.33
N VAL B 57 -20.37 -15.79 10.20
CA VAL B 57 -19.12 -16.50 10.39
C VAL B 57 -19.03 -16.84 11.91
N PRO B 58 -18.76 -18.12 12.31
CA PRO B 58 -18.67 -18.40 13.73
C PRO B 58 -17.56 -17.60 14.40
N GLY B 59 -17.92 -17.09 15.54
CA GLY B 59 -17.03 -16.27 16.33
C GLY B 59 -16.71 -14.90 15.81
N SER B 60 -17.56 -14.41 14.92
CA SER B 60 -17.40 -13.11 14.26
C SER B 60 -17.64 -11.98 15.26
N VAL B 61 -16.89 -10.88 15.09
CA VAL B 61 -17.31 -9.60 15.61
C VAL B 61 -17.34 -8.78 14.32
N VAL B 62 -18.39 -7.99 14.13
CA VAL B 62 -18.56 -7.26 12.94
C VAL B 62 -18.29 -5.74 13.19
N VAL B 63 -17.40 -5.21 12.38
CA VAL B 63 -17.03 -3.78 12.31
C VAL B 63 -17.68 -3.28 11.06
N VAL B 64 -18.55 -2.26 11.20
CA VAL B 64 -19.03 -1.52 10.05
C VAL B 64 -18.43 -0.13 10.03
N SER B 65 -17.66 0.23 8.99
CA SER B 65 -17.17 1.58 8.89
C SER B 65 -18.19 2.43 8.10
N ILE B 66 -18.25 3.68 8.51
CA ILE B 66 -19.08 4.67 7.84
C ILE B 66 -18.17 5.86 7.61
N PHE B 67 -17.88 6.06 6.35
CA PHE B 67 -16.89 7.08 5.97
C PHE B 67 -17.13 7.55 4.57
N VAL B 68 -17.40 8.85 4.45
CA VAL B 68 -17.46 9.43 3.07
C VAL B 68 -16.12 10.01 2.63
N ASN B 69 -15.48 9.38 1.64
CA ASN B 69 -14.26 9.93 1.01
C ASN B 69 -14.56 11.37 0.59
N PRO B 70 -13.62 12.31 0.81
CA PRO B 70 -13.87 13.73 0.45
C PRO B 70 -13.75 14.08 -1.05
N THR B 85 -29.51 8.99 7.72
CA THR B 85 -29.08 9.69 8.94
C THR B 85 -27.93 8.89 9.60
N PRO B 86 -27.04 9.59 10.35
CA PRO B 86 -26.15 8.90 11.29
C PRO B 86 -26.92 8.26 12.46
N ASP B 87 -27.82 9.03 13.07
CA ASP B 87 -28.73 8.50 14.09
C ASP B 87 -29.31 7.19 13.61
N ASP B 88 -29.94 7.29 12.43
CA ASP B 88 -30.60 6.21 11.74
C ASP B 88 -29.70 5.00 11.48
N ASP B 89 -28.57 5.28 10.86
CA ASP B 89 -27.56 4.22 10.55
C ASP B 89 -27.21 3.43 11.81
N LEU B 90 -26.87 4.13 12.86
CA LEU B 90 -26.47 3.49 14.13
C LEU B 90 -27.59 2.59 14.72
N ALA B 91 -28.85 3.05 14.61
CA ALA B 91 -29.93 2.21 15.16
C ALA B 91 -30.14 0.94 14.34
N GLN B 92 -29.93 1.09 13.03
CA GLN B 92 -30.00 -0.05 12.12
C GLN B 92 -28.90 -1.05 12.49
N LEU B 93 -27.71 -0.54 12.73
CA LEU B 93 -26.63 -1.46 13.15
C LEU B 93 -26.93 -2.18 14.51
N ARG B 94 -27.46 -1.44 15.47
CA ARG B 94 -27.94 -1.99 16.77
C ARG B 94 -28.95 -3.09 16.54
N ALA B 95 -29.89 -2.84 15.64
CA ALA B 95 -30.96 -3.80 15.39
C ALA B 95 -30.40 -5.11 14.84
N GLU B 96 -29.29 -5.04 14.13
CA GLU B 96 -28.69 -6.23 13.54
C GLU B 96 -27.64 -6.88 14.44
N GLY B 97 -27.38 -6.32 15.58
CA GLY B 97 -26.44 -6.96 16.51
C GLY B 97 -24.98 -6.67 16.17
N VAL B 98 -24.71 -5.60 15.43
CA VAL B 98 -23.32 -5.21 15.10
C VAL B 98 -22.66 -4.62 16.32
N GLU B 99 -21.43 -5.05 16.58
CA GLU B 99 -20.81 -4.59 17.83
C GLU B 99 -19.89 -3.39 17.72
N ILE B 100 -19.38 -3.11 16.50
CA ILE B 100 -18.53 -2.00 16.31
C ILE B 100 -18.90 -1.14 15.08
N ALA B 101 -19.06 0.15 15.32
CA ALA B 101 -19.10 1.10 14.24
C ALA B 101 -17.88 1.97 14.27
N PHE B 102 -17.22 2.17 13.13
CA PHE B 102 -16.04 3.03 13.02
C PHE B 102 -16.41 4.24 12.16
N THR B 103 -16.40 5.44 12.76
CA THR B 103 -16.99 6.62 12.13
C THR B 103 -15.99 7.79 12.17
N PRO B 104 -14.94 7.68 11.38
CA PRO B 104 -13.89 8.70 11.48
C PRO B 104 -14.21 9.97 10.74
N THR B 105 -13.59 11.07 11.15
CA THR B 105 -13.70 12.30 10.38
C THR B 105 -12.71 12.23 9.23
N THR B 106 -12.86 13.09 8.23
CA THR B 106 -11.93 13.21 7.12
C THR B 106 -10.52 13.50 7.61
N ALA B 107 -10.40 14.41 8.57
CA ALA B 107 -9.17 14.74 9.25
C ALA B 107 -8.44 13.57 9.91
N ALA B 108 -9.24 12.67 10.46
CA ALA B 108 -8.70 11.53 11.19
C ALA B 108 -8.12 10.55 10.17
N MET B 109 -8.81 10.37 9.08
CA MET B 109 -8.34 9.49 7.99
C MET B 109 -7.17 10.09 7.26
N TYR B 110 -7.17 11.43 7.11
CA TYR B 110 -6.16 12.07 6.27
C TYR B 110 -5.45 13.18 7.08
N PRO B 111 -4.78 12.87 8.15
CA PRO B 111 -4.25 13.89 9.03
C PRO B 111 -3.12 14.66 8.41
N ASP B 112 -2.41 14.04 7.47
CA ASP B 112 -1.37 14.78 6.64
C ASP B 112 -1.87 15.18 5.30
N GLY B 113 -3.17 15.26 5.12
CA GLY B 113 -3.78 15.38 3.86
C GLY B 113 -3.49 14.28 2.82
N LEU B 114 -3.72 14.61 1.57
CA LEU B 114 -3.50 13.66 0.48
C LEU B 114 -2.00 13.58 0.14
N ARG B 115 -1.40 12.40 0.23
CA ARG B 115 0.05 12.32 0.15
C ARG B 115 0.35 10.95 -0.54
N THR B 116 0.65 9.88 0.20
CA THR B 116 0.91 8.58 -0.46
C THR B 116 -0.46 8.00 -0.79
N THR B 117 -0.62 7.52 -2.01
CA THR B 117 -1.89 6.95 -2.43
C THR B 117 -1.69 5.66 -3.15
N VAL B 118 -2.80 4.95 -3.41
CA VAL B 118 -2.71 3.73 -4.23
C VAL B 118 -2.98 4.01 -5.72
N GLN B 119 -2.12 3.53 -6.61
CA GLN B 119 -2.35 3.63 -8.03
C GLN B 119 -2.84 2.28 -8.53
N PRO B 120 -4.12 2.19 -8.95
CA PRO B 120 -4.59 0.95 -9.53
C PRO B 120 -3.83 0.56 -10.81
N GLY B 121 -3.94 -0.70 -11.18
CA GLY B 121 -3.52 -1.16 -12.45
C GLY B 121 -4.47 -0.66 -13.56
N PRO B 122 -4.18 -1.02 -14.80
CA PRO B 122 -4.87 -0.41 -15.98
C PRO B 122 -6.35 -0.71 -16.06
N LEU B 123 -6.86 -1.70 -15.31
CA LEU B 123 -8.27 -1.98 -15.30
C LEU B 123 -9.03 -0.77 -14.83
N ALA B 124 -8.42 0.03 -14.01
CA ALA B 124 -9.13 1.20 -13.49
C ALA B 124 -9.46 2.25 -14.51
N ALA B 125 -8.82 2.16 -15.63
CA ALA B 125 -9.00 3.18 -16.68
C ALA B 125 -10.17 2.74 -17.58
N GLU B 126 -10.53 1.48 -17.51
CA GLU B 126 -11.58 0.90 -18.38
C GLU B 126 -12.94 1.08 -17.71
N LEU B 127 -14.00 0.89 -18.52
CA LEU B 127 -15.38 0.81 -17.96
C LEU B 127 -15.76 2.08 -17.17
N GLU B 128 -15.91 2.02 -15.86
CA GLU B 128 -16.30 3.16 -15.07
C GLU B 128 -15.21 4.20 -15.02
N GLY B 129 -13.99 3.76 -15.22
CA GLY B 129 -12.80 4.61 -15.29
C GLY B 129 -12.73 5.57 -16.44
N GLY B 130 -13.51 5.32 -17.49
CA GLY B 130 -13.75 6.32 -18.51
C GLY B 130 -14.41 7.60 -17.98
N PRO B 131 -15.68 7.54 -17.49
CA PRO B 131 -16.22 8.81 -16.95
C PRO B 131 -15.61 9.30 -15.62
N ARG B 132 -14.99 8.39 -14.84
CA ARG B 132 -14.45 8.72 -13.49
C ARG B 132 -12.99 8.17 -13.37
N PRO B 133 -12.05 8.85 -14.05
CA PRO B 133 -10.71 8.30 -14.19
C PRO B 133 -9.83 8.20 -12.90
N THR B 134 -10.23 8.91 -11.86
CA THR B 134 -9.47 8.81 -10.60
C THR B 134 -10.27 8.16 -9.48
N HIS B 135 -11.48 7.68 -9.77
CA HIS B 135 -12.39 7.26 -8.71
C HIS B 135 -11.80 6.02 -8.03
N PHE B 136 -11.26 5.11 -8.80
CA PHE B 136 -10.83 3.92 -8.18
C PHE B 136 -9.54 4.09 -7.33
N ALA B 137 -8.64 4.97 -7.73
CA ALA B 137 -7.54 5.38 -6.88
C ALA B 137 -8.01 5.74 -5.49
N GLY B 138 -9.06 6.55 -5.40
CA GLY B 138 -9.59 6.89 -4.09
C GLY B 138 -10.18 5.72 -3.31
N VAL B 139 -10.94 4.89 -4.02
CA VAL B 139 -11.56 3.75 -3.42
C VAL B 139 -10.40 2.86 -2.85
N LEU B 140 -9.43 2.52 -3.68
CA LEU B 140 -8.40 1.58 -3.23
C LEU B 140 -7.54 2.16 -2.12
N THR B 141 -7.27 3.44 -2.11
CA THR B 141 -6.59 4.13 -1.02
C THR B 141 -7.34 4.04 0.31
N VAL B 142 -8.64 4.33 0.29
N VAL B 142 -8.64 4.35 0.28
CA VAL B 142 -9.40 4.22 1.51
CA VAL B 142 -9.43 4.23 1.48
C VAL B 142 -9.57 2.80 1.98
C VAL B 142 -9.55 2.82 1.97
N VAL B 143 -9.81 1.88 1.05
CA VAL B 143 -9.98 0.45 1.42
C VAL B 143 -8.64 -0.03 2.04
N LEU B 144 -7.52 0.36 1.45
CA LEU B 144 -6.26 -0.09 2.05
C LEU B 144 -6.08 0.37 3.50
N LYS B 145 -6.39 1.65 3.72
CA LYS B 145 -6.32 2.24 5.02
C LYS B 145 -7.23 1.56 6.03
N LEU B 146 -8.47 1.27 5.63
CA LEU B 146 -9.43 0.62 6.53
C LEU B 146 -8.98 -0.74 6.88
N LEU B 147 -8.37 -1.41 5.88
CA LEU B 147 -7.84 -2.75 6.12
C LEU B 147 -6.68 -2.74 7.11
N GLN B 148 -5.84 -1.75 7.04
CA GLN B 148 -4.67 -1.65 7.93
C GLN B 148 -5.09 -1.22 9.34
N ILE B 149 -6.08 -0.34 9.39
CA ILE B 149 -6.58 0.09 10.66
C ILE B 149 -7.27 -1.08 11.38
N VAL B 150 -8.25 -1.72 10.73
CA VAL B 150 -9.09 -2.74 11.42
C VAL B 150 -8.43 -4.10 11.46
N ARG B 151 -7.61 -4.41 10.47
CA ARG B 151 -6.97 -5.74 10.30
C ARG B 151 -7.97 -6.93 10.40
N PRO B 152 -9.02 -6.90 9.57
CA PRO B 152 -9.99 -7.92 9.61
C PRO B 152 -9.50 -9.23 9.05
N ASP B 153 -10.15 -10.31 9.51
CA ASP B 153 -9.93 -11.59 8.84
C ASP B 153 -10.59 -11.65 7.45
N ARG B 154 -11.76 -10.99 7.31
CA ARG B 154 -12.56 -11.01 6.11
C ARG B 154 -13.16 -9.63 5.93
N VAL B 155 -13.24 -9.23 4.69
CA VAL B 155 -13.88 -7.96 4.33
C VAL B 155 -14.95 -8.26 3.29
N PHE B 156 -16.09 -7.56 3.41
CA PHE B 156 -17.27 -7.86 2.61
C PHE B 156 -17.65 -6.67 1.72
N PHE B 157 -17.91 -7.01 0.48
CA PHE B 157 -18.34 -6.05 -0.54
C PHE B 157 -19.47 -6.64 -1.40
N GLY B 158 -20.29 -5.76 -1.96
CA GLY B 158 -21.35 -6.20 -2.83
C GLY B 158 -20.77 -6.48 -4.21
N GLU B 159 -21.49 -7.29 -4.94
CA GLU B 159 -21.15 -7.55 -6.33
C GLU B 159 -21.69 -6.51 -7.24
N LYS B 160 -22.44 -5.55 -6.73
CA LYS B 160 -22.98 -4.59 -7.66
C LYS B 160 -21.94 -3.78 -8.36
N ASP B 161 -20.97 -3.32 -7.61
CA ASP B 161 -19.89 -2.57 -8.21
C ASP B 161 -18.77 -3.62 -8.49
N TYR B 162 -18.96 -4.37 -9.53
CA TYR B 162 -18.12 -5.53 -9.79
C TYR B 162 -16.67 -5.12 -10.15
N GLN B 163 -16.49 -4.09 -10.92
CA GLN B 163 -15.18 -3.63 -11.25
C GLN B 163 -14.41 -3.22 -10.00
N GLN B 164 -15.07 -2.50 -9.11
CA GLN B 164 -14.52 -2.15 -7.83
C GLN B 164 -14.07 -3.42 -7.12
N LEU B 165 -14.93 -4.40 -7.01
CA LEU B 165 -14.60 -5.61 -6.30
C LEU B 165 -13.35 -6.24 -6.90
N VAL B 166 -13.31 -6.30 -8.25
CA VAL B 166 -12.16 -6.93 -8.91
C VAL B 166 -10.84 -6.11 -8.60
N LEU B 167 -10.94 -4.79 -8.64
CA LEU B 167 -9.80 -3.99 -8.33
C LEU B 167 -9.33 -4.28 -6.88
N ILE B 168 -10.28 -4.35 -5.91
CA ILE B 168 -9.89 -4.71 -4.52
C ILE B 168 -9.19 -6.05 -4.47
N ARG B 169 -9.68 -7.06 -5.19
CA ARG B 169 -8.97 -8.32 -5.23
CA ARG B 169 -9.02 -8.33 -5.27
C ARG B 169 -7.57 -8.13 -5.78
N GLN B 170 -7.38 -7.26 -6.75
CA GLN B 170 -6.05 -7.00 -7.30
C GLN B 170 -5.19 -6.38 -6.20
N LEU B 171 -5.72 -5.36 -5.52
CA LEU B 171 -5.03 -4.71 -4.39
C LEU B 171 -4.52 -5.76 -3.41
N VAL B 172 -5.40 -6.64 -2.94
CA VAL B 172 -5.04 -7.69 -1.99
C VAL B 172 -3.94 -8.61 -2.49
N ALA B 173 -4.03 -9.06 -3.71
CA ALA B 173 -3.02 -9.95 -4.33
C ALA B 173 -1.70 -9.18 -4.49
N ASP B 174 -1.77 -7.96 -4.99
CA ASP B 174 -0.63 -7.21 -5.41
C ASP B 174 0.20 -6.73 -4.21
N PHE B 175 -0.46 -6.37 -3.10
CA PHE B 175 0.29 -5.91 -1.96
C PHE B 175 0.41 -6.98 -0.87
N ASN B 176 0.07 -8.26 -1.19
CA ASN B 176 0.24 -9.37 -0.27
C ASN B 176 -0.54 -9.19 1.04
N LEU B 177 -1.78 -8.64 0.93
CA LEU B 177 -2.57 -8.48 2.13
C LEU B 177 -3.12 -9.80 2.64
N ASP B 178 -3.20 -9.87 3.96
N ASP B 178 -3.26 -9.98 3.94
CA ASP B 178 -3.66 -11.12 4.59
CA ASP B 178 -3.65 -11.35 4.41
C ASP B 178 -5.09 -10.96 5.05
C ASP B 178 -5.19 -11.60 4.55
N VAL B 179 -5.98 -10.66 4.11
CA VAL B 179 -7.41 -10.63 4.36
C VAL B 179 -8.09 -11.45 3.29
N ALA B 180 -9.21 -12.06 3.60
CA ALA B 180 -10.11 -12.69 2.65
C ALA B 180 -11.15 -11.70 2.13
N VAL B 181 -11.30 -11.59 0.84
CA VAL B 181 -12.27 -10.68 0.21
C VAL B 181 -13.49 -11.49 -0.14
N VAL B 182 -14.61 -11.07 0.41
CA VAL B 182 -15.86 -11.84 0.20
C VAL B 182 -16.80 -10.94 -0.63
N GLY B 183 -17.26 -11.40 -1.80
CA GLY B 183 -18.27 -10.72 -2.57
C GLY B 183 -19.66 -11.31 -2.33
N VAL B 184 -20.58 -10.43 -2.07
CA VAL B 184 -21.91 -10.82 -1.66
C VAL B 184 -22.83 -10.48 -2.83
N PRO B 185 -23.64 -11.44 -3.28
CA PRO B 185 -24.58 -11.17 -4.41
C PRO B 185 -25.42 -9.93 -4.19
N THR B 186 -25.60 -9.25 -5.30
CA THR B 186 -26.33 -7.98 -5.29
C THR B 186 -27.78 -8.19 -4.75
N VAL B 187 -28.18 -7.42 -3.80
CA VAL B 187 -29.59 -7.31 -3.44
C VAL B 187 -30.34 -6.45 -4.51
N ARG B 188 -31.52 -6.96 -4.89
CA ARG B 188 -32.35 -6.35 -5.95
C ARG B 188 -33.76 -6.10 -5.46
N GLU B 189 -34.40 -5.06 -6.02
CA GLU B 189 -35.84 -4.80 -5.87
C GLU B 189 -36.63 -5.95 -6.50
N ALA B 190 -37.93 -5.97 -6.24
CA ALA B 190 -38.74 -7.12 -6.61
C ALA B 190 -38.74 -7.40 -8.19
N ASP B 191 -38.62 -6.33 -8.94
CA ASP B 191 -38.54 -6.51 -10.39
C ASP B 191 -37.19 -6.78 -10.96
N GLY B 192 -36.15 -6.83 -10.06
CA GLY B 192 -34.81 -7.12 -10.43
C GLY B 192 -33.82 -5.93 -10.42
N LEU B 193 -34.30 -4.67 -10.37
CA LEU B 193 -33.40 -3.53 -10.34
C LEU B 193 -32.42 -3.62 -9.19
N ALA B 194 -31.15 -3.55 -9.51
CA ALA B 194 -30.16 -3.61 -8.47
C ALA B 194 -30.28 -2.44 -7.50
N MET B 195 -30.26 -2.74 -6.21
N MET B 195 -30.16 -2.77 -6.22
CA MET B 195 -30.40 -1.65 -5.24
CA MET B 195 -30.19 -1.77 -5.16
C MET B 195 -29.24 -0.66 -5.37
C MET B 195 -29.17 -0.65 -5.38
N SER B 196 -29.60 0.61 -5.21
CA SER B 196 -28.64 1.71 -5.34
C SER B 196 -29.20 2.92 -4.67
N SER B 197 -28.31 3.76 -4.12
CA SER B 197 -28.74 4.97 -3.45
C SER B 197 -29.36 5.89 -4.50
N ARG B 198 -29.03 5.65 -5.77
CA ARG B 198 -29.54 6.51 -6.85
C ARG B 198 -30.98 6.22 -7.31
N ASN B 199 -31.54 5.08 -6.95
CA ASN B 199 -32.78 4.70 -7.56
C ASN B 199 -33.95 5.66 -7.18
N ARG B 200 -33.84 6.21 -5.99
CA ARG B 200 -34.86 7.16 -5.47
C ARG B 200 -35.10 8.39 -6.36
N TYR B 201 -34.08 8.78 -7.11
CA TYR B 201 -34.12 9.93 -7.99
C TYR B 201 -34.85 9.70 -9.27
N LEU B 202 -35.05 8.44 -9.65
CA LEU B 202 -35.76 8.17 -10.90
C LEU B 202 -37.22 8.58 -10.75
N ASP B 203 -37.76 9.27 -11.74
CA ASP B 203 -39.22 9.44 -11.82
C ASP B 203 -39.86 8.16 -12.26
N PRO B 204 -41.19 8.05 -12.30
CA PRO B 204 -41.88 6.82 -12.55
C PRO B 204 -41.53 6.20 -13.94
N ALA B 205 -41.45 7.04 -14.98
CA ALA B 205 -41.05 6.56 -16.31
C ALA B 205 -39.59 6.07 -16.32
N GLN B 206 -38.68 6.75 -15.65
CA GLN B 206 -37.30 6.30 -15.58
C GLN B 206 -37.18 5.02 -14.76
N ARG B 207 -37.93 4.99 -13.64
CA ARG B 207 -37.88 3.79 -12.77
C ARG B 207 -38.39 2.61 -13.52
N ALA B 208 -39.42 2.78 -14.33
CA ALA B 208 -39.97 1.67 -15.13
C ALA B 208 -38.97 1.23 -16.21
N ALA B 209 -38.30 2.21 -16.81
CA ALA B 209 -37.32 1.90 -17.86
C ALA B 209 -36.11 1.21 -17.30
N ALA B 210 -35.73 1.56 -16.08
CA ALA B 210 -34.53 1.03 -15.47
C ALA B 210 -34.55 -0.48 -15.26
N VAL B 211 -35.71 -1.10 -15.25
N VAL B 211 -35.73 -1.08 -15.24
CA VAL B 211 -35.76 -2.58 -15.15
CA VAL B 211 -35.86 -2.57 -15.19
C VAL B 211 -35.06 -3.22 -16.36
C VAL B 211 -35.06 -3.20 -16.35
N ALA B 212 -34.90 -2.48 -17.47
CA ALA B 212 -34.28 -3.03 -18.66
C ALA B 212 -32.87 -3.51 -18.38
N LEU B 213 -32.14 -2.88 -17.44
CA LEU B 213 -30.76 -3.27 -17.20
C LEU B 213 -30.68 -4.74 -16.70
N SER B 214 -31.39 -5.03 -15.68
CA SER B 214 -31.41 -6.38 -15.08
C SER B 214 -32.09 -7.38 -16.04
N ALA B 215 -33.12 -6.96 -16.74
CA ALA B 215 -33.85 -7.83 -17.68
C ALA B 215 -32.90 -8.18 -18.83
N ALA B 216 -32.09 -7.21 -19.28
CA ALA B 216 -31.10 -7.45 -20.36
C ALA B 216 -30.13 -8.49 -19.90
N LEU B 217 -29.65 -8.30 -18.70
CA LEU B 217 -28.60 -9.24 -18.19
C LEU B 217 -29.12 -10.60 -17.93
N THR B 218 -30.30 -10.74 -17.36
CA THR B 218 -30.82 -12.07 -17.07
CA THR B 218 -30.76 -12.06 -17.08
C THR B 218 -31.17 -12.77 -18.39
N ALA B 219 -31.65 -12.02 -19.34
CA ALA B 219 -31.91 -12.58 -20.74
C ALA B 219 -30.65 -13.10 -21.33
N ALA B 220 -29.57 -12.30 -21.23
CA ALA B 220 -28.24 -12.73 -21.73
C ALA B 220 -27.78 -13.99 -21.01
N ALA B 221 -27.93 -14.09 -19.72
CA ALA B 221 -27.40 -15.24 -18.99
C ALA B 221 -28.06 -16.53 -19.47
N HIS B 222 -29.34 -16.42 -19.81
CA HIS B 222 -30.07 -17.58 -20.31
C HIS B 222 -29.90 -17.85 -21.80
N ALA B 223 -29.70 -16.82 -22.59
CA ALA B 223 -29.39 -16.92 -23.99
C ALA B 223 -28.04 -17.60 -24.23
N ALA B 224 -27.14 -17.49 -23.23
CA ALA B 224 -25.74 -17.94 -23.36
C ALA B 224 -25.50 -19.38 -23.74
N THR B 225 -26.51 -20.25 -23.59
CA THR B 225 -26.37 -21.61 -24.14
C THR B 225 -26.16 -21.55 -25.67
N ALA B 226 -26.59 -20.47 -26.32
CA ALA B 226 -26.46 -20.28 -27.76
C ALA B 226 -25.21 -19.46 -28.14
N GLY B 227 -24.40 -19.17 -27.12
CA GLY B 227 -23.06 -18.60 -27.26
C GLY B 227 -22.99 -17.10 -26.95
N ALA B 228 -21.79 -16.56 -26.99
CA ALA B 228 -21.54 -15.17 -26.58
C ALA B 228 -22.24 -14.16 -27.41
N GLN B 229 -22.23 -14.31 -28.73
CA GLN B 229 -22.90 -13.33 -29.55
C GLN B 229 -24.40 -13.29 -29.23
N ALA B 230 -25.02 -14.47 -29.07
CA ALA B 230 -26.47 -14.58 -28.76
C ALA B 230 -26.73 -13.88 -27.46
N ALA B 231 -25.86 -14.05 -26.46
CA ALA B 231 -26.02 -13.39 -25.18
C ALA B 231 -25.98 -11.89 -25.35
N LEU B 232 -24.92 -11.37 -26.00
CA LEU B 232 -24.82 -9.88 -26.20
C LEU B 232 -25.97 -9.35 -26.98
N ASP B 233 -26.43 -10.07 -28.02
CA ASP B 233 -27.48 -9.52 -28.87
C ASP B 233 -28.80 -9.52 -28.11
N ALA B 234 -29.04 -10.52 -27.27
CA ALA B 234 -30.27 -10.55 -26.45
C ALA B 234 -30.25 -9.36 -25.46
N ALA B 235 -29.13 -9.12 -24.78
CA ALA B 235 -29.13 -7.99 -23.82
C ALA B 235 -29.35 -6.69 -24.58
N ARG B 236 -28.65 -6.53 -25.74
CA ARG B 236 -28.80 -5.27 -26.55
C ARG B 236 -30.27 -5.12 -26.94
N ALA B 237 -30.93 -6.20 -27.31
CA ALA B 237 -32.34 -6.09 -27.78
C ALA B 237 -33.21 -5.56 -26.63
N VAL B 238 -33.03 -6.09 -25.39
CA VAL B 238 -33.79 -5.62 -24.27
C VAL B 238 -33.53 -4.13 -23.98
N LEU B 239 -32.23 -3.76 -23.97
CA LEU B 239 -31.95 -2.31 -23.77
C LEU B 239 -32.54 -1.48 -24.86
N ASP B 240 -32.53 -1.95 -26.09
CA ASP B 240 -33.17 -1.23 -27.21
C ASP B 240 -34.70 -1.08 -27.12
N ALA B 241 -35.39 -1.85 -26.29
CA ALA B 241 -36.81 -1.81 -26.07
C ALA B 241 -37.17 -0.69 -25.08
N ALA B 242 -36.15 -0.06 -24.44
CA ALA B 242 -36.39 0.88 -23.38
C ALA B 242 -36.21 2.32 -23.88
N PRO B 243 -37.20 3.22 -23.55
CA PRO B 243 -36.94 4.60 -23.91
C PRO B 243 -36.09 5.31 -22.82
N GLY B 244 -35.33 6.28 -23.26
CA GLY B 244 -34.49 7.13 -22.38
C GLY B 244 -33.41 6.45 -21.59
N VAL B 245 -32.86 5.39 -22.15
CA VAL B 245 -31.79 4.60 -21.49
C VAL B 245 -30.59 4.69 -22.38
N ALA B 246 -29.65 5.52 -22.01
CA ALA B 246 -28.49 5.79 -22.86
C ALA B 246 -27.35 4.87 -22.40
N VAL B 247 -27.09 3.84 -23.16
CA VAL B 247 -26.18 2.86 -22.73
C VAL B 247 -24.73 3.33 -22.94
N ASP B 248 -23.97 3.34 -21.88
CA ASP B 248 -22.55 3.76 -21.98
C ASP B 248 -21.68 2.63 -22.42
N TYR B 249 -21.90 1.45 -21.88
CA TYR B 249 -21.23 0.22 -22.35
C TYR B 249 -22.04 -1.02 -22.01
N LEU B 250 -21.78 -2.08 -22.73
CA LEU B 250 -22.33 -3.40 -22.55
C LEU B 250 -21.25 -4.37 -22.97
N GLU B 251 -20.58 -4.95 -22.00
CA GLU B 251 -19.35 -5.71 -22.23
C GLU B 251 -19.34 -7.03 -21.54
N LEU B 252 -18.96 -8.03 -22.27
CA LEU B 252 -18.80 -9.38 -21.76
C LEU B 252 -17.25 -9.64 -21.57
N ARG B 253 -16.89 -9.92 -20.33
CA ARG B 253 -15.46 -10.12 -19.96
C ARG B 253 -15.26 -11.41 -19.21
N ASP B 254 -13.99 -11.82 -19.03
CA ASP B 254 -13.79 -12.89 -18.08
C ASP B 254 -14.07 -12.41 -16.63
N ILE B 255 -14.12 -13.34 -15.67
CA ILE B 255 -14.52 -12.99 -14.34
C ILE B 255 -13.52 -12.02 -13.67
N GLY B 256 -12.30 -11.96 -14.20
CA GLY B 256 -11.29 -11.00 -13.67
C GLY B 256 -11.27 -9.71 -14.44
N LEU B 257 -12.19 -9.62 -15.37
CA LEU B 257 -12.39 -8.48 -16.29
C LEU B 257 -11.34 -8.30 -17.42
N GLY B 258 -10.61 -9.39 -17.72
CA GLY B 258 -9.87 -9.43 -18.93
C GLY B 258 -10.77 -9.80 -20.09
N PRO B 259 -10.17 -10.07 -21.27
CA PRO B 259 -10.94 -10.61 -22.42
C PRO B 259 -11.66 -11.90 -22.10
N MET B 260 -12.89 -11.98 -22.60
CA MET B 260 -13.71 -13.16 -22.44
C MET B 260 -13.05 -14.29 -23.23
N PRO B 261 -12.87 -15.46 -22.57
CA PRO B 261 -12.36 -16.64 -23.27
C PRO B 261 -13.47 -17.25 -24.14
N LEU B 262 -13.06 -18.00 -25.15
CA LEU B 262 -13.99 -18.64 -26.11
C LEU B 262 -15.25 -19.28 -25.50
N ASN B 263 -15.10 -20.18 -24.53
CA ASN B 263 -16.21 -20.48 -23.62
C ASN B 263 -15.70 -20.41 -22.19
N GLY B 264 -16.48 -20.87 -21.22
CA GLY B 264 -16.14 -20.71 -19.80
C GLY B 264 -16.95 -19.60 -19.10
N SER B 265 -16.45 -19.17 -17.96
CA SER B 265 -17.18 -18.27 -17.10
C SER B 265 -16.83 -16.87 -17.45
N GLY B 266 -17.81 -16.00 -17.33
CA GLY B 266 -17.56 -14.60 -17.59
C GLY B 266 -18.44 -13.73 -16.75
N ARG B 267 -18.41 -12.46 -17.07
CA ARG B 267 -19.29 -11.46 -16.41
C ARG B 267 -19.71 -10.50 -17.53
N LEU B 268 -21.00 -10.15 -17.56
CA LEU B 268 -21.55 -9.14 -18.44
C LEU B 268 -21.92 -7.94 -17.64
N LEU B 269 -21.39 -6.82 -18.03
CA LEU B 269 -21.53 -5.54 -17.35
C LEU B 269 -22.19 -4.54 -18.27
N VAL B 270 -23.10 -3.80 -17.67
CA VAL B 270 -23.77 -2.68 -18.30
C VAL B 270 -23.75 -1.41 -17.42
N ALA B 271 -23.66 -0.31 -18.11
CA ALA B 271 -23.96 0.98 -17.53
C ALA B 271 -24.77 1.87 -18.41
N ALA B 272 -25.61 2.67 -17.84
CA ALA B 272 -26.49 3.51 -18.61
C ALA B 272 -26.86 4.74 -17.90
N ARG B 273 -27.21 5.77 -18.65
CA ARG B 273 -27.78 6.98 -18.07
C ARG B 273 -29.22 7.15 -18.33
N LEU B 274 -29.98 7.38 -17.26
CA LEU B 274 -31.36 7.69 -17.37
C LEU B 274 -31.58 9.15 -16.88
N GLY B 275 -31.86 10.07 -17.78
CA GLY B 275 -31.95 11.50 -17.41
C GLY B 275 -30.57 11.85 -16.86
N THR B 276 -30.51 12.30 -15.61
CA THR B 276 -29.22 12.66 -15.00
C THR B 276 -28.63 11.54 -14.14
N THR B 277 -29.25 10.37 -14.12
CA THR B 277 -28.83 9.35 -13.17
C THR B 277 -28.11 8.21 -13.93
N ARG B 278 -26.94 7.87 -13.48
CA ARG B 278 -26.15 6.71 -13.97
C ARG B 278 -26.41 5.44 -13.18
N LEU B 279 -26.80 4.35 -13.86
CA LEU B 279 -27.03 3.06 -13.23
C LEU B 279 -26.08 2.02 -13.78
N LEU B 280 -25.74 1.05 -12.97
CA LEU B 280 -24.81 -0.03 -13.36
C LEU B 280 -25.47 -1.34 -12.99
N ASP B 281 -25.12 -2.41 -13.69
CA ASP B 281 -25.50 -3.78 -13.23
C ASP B 281 -24.55 -4.74 -13.90
N ASN B 282 -24.46 -5.94 -13.36
CA ASN B 282 -23.67 -6.98 -13.94
C ASN B 282 -24.20 -8.35 -13.52
N ILE B 283 -23.78 -9.37 -14.23
CA ILE B 283 -24.21 -10.71 -13.99
C ILE B 283 -23.14 -11.72 -14.43
N ALA B 284 -23.18 -12.83 -13.73
CA ALA B 284 -22.42 -14.03 -14.09
C ALA B 284 -22.95 -14.61 -15.38
N ILE B 285 -22.07 -15.00 -16.26
CA ILE B 285 -22.40 -15.60 -17.55
C ILE B 285 -21.55 -16.86 -17.75
N GLU B 286 -22.18 -17.94 -18.19
CA GLU B 286 -21.45 -19.18 -18.53
C GLU B 286 -21.65 -19.44 -20.03
N ILE B 287 -20.56 -19.42 -20.74
CA ILE B 287 -20.52 -19.73 -22.14
C ILE B 287 -19.84 -21.09 -22.22
C1 EOH C . 35.71 15.39 10.42
C2 EOH C . 34.81 15.11 11.63
O EOH C . 35.07 15.50 9.07
C1 EOH D . -4.29 3.33 13.41
C2 EOH D . -3.29 2.57 14.28
O EOH D . -3.54 4.02 12.39
O 2DZ E . 24.57 2.76 -0.13
C 2DZ E . 24.37 1.92 0.77
OXT 2DZ E . 24.78 0.74 0.88
CA 2DZ E . 23.66 2.44 1.94
N 2DZ E . 23.21 1.73 3.10
CBD 2DZ E . 23.67 1.94 4.34
CAO 2DZ E . 24.69 2.76 4.77
CAM 2DZ E . 25.02 2.84 6.10
CAX 2DZ E . 24.27 2.17 7.04
OAU 2DZ E . 24.63 2.36 8.34
CAA 2DZ E . 23.73 2.02 9.37
CAQ 2DZ E . 23.22 1.32 6.59
CBC 2DZ E . 22.93 1.26 5.24
CAR 2DZ E . 21.97 0.57 4.51
CAZ 2DZ E . 22.16 0.89 3.19
CAW 2DZ E . 21.45 0.43 2.12
OAC 2DZ E . 21.78 0.64 0.93
NAT 2DZ E . 20.39 -0.26 2.43
SBH 2DZ E . 19.49 -0.94 1.26
OAE 2DZ E . 18.09 -1.30 1.81
OAF 2DZ E . 20.23 -2.19 0.69
CBB 2DZ E . 19.29 0.17 -0.07
CAN 2DZ E . 19.75 -0.32 -1.26
CAL 2DZ E . 19.64 0.47 -2.41
CAY 2DZ E . 19.05 1.75 -2.39
CBG 2DZ E . 18.95 2.56 -3.60
FAJ 2DZ E . 17.70 2.49 -4.09
FAK 2DZ E . 19.14 3.84 -3.37
FAI 2DZ E . 19.90 2.04 -4.61
CAP 2DZ E . 18.64 2.25 -1.17
CBA 2DZ E . 18.72 1.49 -0.03
NBF 2DZ E . 18.32 2.04 1.16
OAH 2DZ E . 19.18 1.92 2.17
OAD 2DZ E . 17.30 3.14 1.25
O 2DZ F . 3.67 6.55 -17.77
C 2DZ F . 4.72 5.84 -17.87
OXT 2DZ F . 4.77 4.85 -18.61
CA 2DZ F . 5.99 6.09 -16.92
N 2DZ F . 5.72 7.26 -15.80
CBD 2DZ F . 6.34 8.48 -15.91
CAO 2DZ F . 7.20 8.92 -16.85
CAM 2DZ F . 7.73 10.19 -16.84
CAX 2DZ F . 7.35 10.99 -15.81
OAU 2DZ F . 7.94 12.21 -15.92
CAA 2DZ F . 7.59 13.10 -14.79
CAQ 2DZ F . 6.42 10.53 -14.82
CBC 2DZ F . 5.94 9.26 -14.89
CAR 2DZ F . 5.09 8.54 -14.14
CAZ 2DZ F . 4.95 7.31 -14.67
CAW 2DZ F . 4.19 6.31 -14.15
OAC 2DZ F . 3.73 6.33 -12.99
NAT 2DZ F . 4.09 5.23 -14.94
SBH 2DZ F . 3.33 3.88 -14.49
OAE 2DZ F . 3.43 2.81 -15.55
OAF 2DZ F . 1.94 4.14 -13.83
CBB 2DZ F . 4.38 3.18 -13.19
CAN 2DZ F . 3.92 3.25 -11.88
CAL 2DZ F . 4.72 2.62 -10.90
CAY 2DZ F . 5.94 1.99 -11.22
CBG 2DZ F . 6.70 1.36 -10.14
FAJ 2DZ F . 6.06 1.32 -8.92
FAK 2DZ F . 7.01 0.12 -10.39
FAI 2DZ F . 7.89 1.99 -10.02
CAP 2DZ F . 6.36 1.91 -12.52
CBA 2DZ F . 5.57 2.52 -13.50
NBF 2DZ F . 6.01 2.43 -14.80
OAH 2DZ F . 6.18 3.42 -15.46
OAD 2DZ F . 6.53 1.34 -15.20
O 2DZ G . 23.14 3.62 -11.57
C 2DZ G . 22.36 2.75 -12.08
OXT 2DZ G . 21.94 2.74 -13.29
CA 2DZ G . 21.87 1.56 -11.19
N 2DZ G . 22.19 1.70 -9.75
CBD 2DZ G . 23.21 0.99 -9.22
CAO 2DZ G . 24.12 0.14 -9.77
CAM 2DZ G . 25.10 -0.44 -8.95
CAX 2DZ G . 25.11 -0.12 -7.58
OAU 2DZ G . 26.05 -0.68 -6.70
CAA 2DZ G . 25.70 -0.72 -5.27
CAQ 2DZ G . 24.16 0.77 -7.11
CBC 2DZ G . 23.22 1.28 -7.91
CAR 2DZ G . 22.20 2.12 -7.63
CAZ 2DZ G . 21.57 2.39 -8.79
CAW 2DZ G . 20.49 3.22 -8.96
OAC 2DZ G . 19.95 3.39 -10.08
NAT 2DZ G . 20.15 3.88 -7.83
SBH 2DZ G . 18.79 4.97 -7.78
OAE 2DZ G . 18.49 5.30 -6.35
OAF 2DZ G . 17.66 4.26 -8.60
CBB 2DZ G . 19.22 6.43 -8.58
CAN 2DZ G . 20.41 6.58 -9.34
CAL 2DZ G . 20.65 7.79 -9.99
CAY 2DZ G . 19.68 8.83 -9.91
CBG 2DZ G . 19.85 10.09 -10.49
FAJ 2DZ G . 19.15 11.04 -9.61
FAK 2DZ G . 21.06 10.33 -10.68
FAI 2DZ G . 19.35 10.13 -11.59
CAP 2DZ G . 18.54 8.67 -9.15
CBA 2DZ G . 18.30 7.49 -8.48
NBF 2DZ G . 17.16 7.36 -7.75
OAH 2DZ G . 17.22 7.54 -6.42
OAD 2DZ G . 16.01 7.30 -8.35
C1 EDO H . 2.64 -5.58 -7.31
O1 EDO H . 3.01 -6.98 -7.15
C2 EDO H . 1.92 -5.32 -8.61
O2 EDO H . 2.18 -4.03 -9.06
C1 GOL I . 0.98 0.99 -12.07
O1 GOL I . 0.03 1.16 -11.01
C2 GOL I . 0.43 0.19 -13.23
O2 GOL I . 1.54 -0.46 -13.87
C3 GOL I . -0.30 1.16 -14.15
O3 GOL I . -1.57 1.45 -13.55
C1 GOL J . 14.12 -2.88 -0.90
O1 GOL J . 14.43 -2.39 -2.24
C2 GOL J . 14.44 -2.03 0.35
O2 GOL J . 13.77 -0.77 0.36
C3 GOL J . 15.90 -1.73 0.40
O3 GOL J . 15.98 -0.33 0.26
C1 EDO K . 0.44 -13.59 -16.29
O1 EDO K . 0.98 -12.31 -16.65
C2 EDO K . 0.07 -13.52 -14.80
O2 EDO K . -0.80 -12.37 -14.58
C1 EOH L . 39.62 11.39 -8.94
C2 EOH L . 39.77 12.60 -9.84
O EOH L . 38.70 11.81 -7.93
C1 EDO M . 1.13 -4.40 8.19
O1 EDO M . 0.36 -3.27 8.66
C2 EDO M . 2.50 -3.93 7.79
O2 EDO M . 3.08 -3.29 8.92
C1 GOL N . 0.41 -12.22 7.47
O1 GOL N . 1.13 -11.21 6.74
C2 GOL N . 1.35 -12.78 8.50
O2 GOL N . 0.84 -14.02 9.00
C3 GOL N . 2.64 -12.98 7.75
O3 GOL N . 3.72 -13.08 8.63
O 2DZ O . -24.74 1.88 -2.11
O 2DZ O . -24.07 0.44 -5.05
C 2DZ O . -25.10 1.70 -3.31
C 2DZ O . -24.76 1.25 -4.40
OXT 2DZ O . -25.75 2.54 -4.01
OXT 2DZ O . -25.09 2.42 -4.72
CA 2DZ O . -24.61 0.38 -3.97
CA 2DZ O . -25.39 0.73 -3.13
N 2DZ O . -24.25 -0.72 -2.96
N 2DZ O . -24.74 -0.51 -2.55
CBD 2DZ O . -24.76 -1.97 -2.96
CBD 2DZ O . -25.18 -1.78 -2.63
CAO 2DZ O . -25.72 -2.56 -3.71
CAO 2DZ O . -26.29 -2.31 -3.23
CAM 2DZ O . -26.15 -3.86 -3.49
CAM 2DZ O . -26.51 -3.68 -3.17
CAX 2DZ O . -25.55 -4.61 -2.46
CAX 2DZ O . -25.61 -4.52 -2.45
OAU 2DZ O . -25.98 -5.87 -2.23
OAU 2DZ O . -25.86 -5.85 -2.40
CAA 2DZ O . -25.19 -6.81 -1.50
CAA 2DZ O . -25.24 -6.67 -1.41
CAQ 2DZ O . -24.58 -3.96 -1.69
CAQ 2DZ O . -24.51 -3.92 -1.84
CBC 2DZ O . -24.23 -2.68 -1.94
CBC 2DZ O . -24.33 -2.59 -1.93
CAR 2DZ O . -23.32 -1.90 -1.32
CAR 2DZ O . -23.36 -1.82 -1.43
CAZ 2DZ O . -23.31 -0.71 -1.95
CAZ 2DZ O . -23.61 -0.54 -1.80
CAW 2DZ O . -22.50 0.34 -1.52
CAW 2DZ O . -22.79 0.50 -1.41
OAC 2DZ O . -22.06 0.42 -0.38
OAC 2DZ O . -22.52 0.66 -0.22
NAT 2DZ O . -22.23 1.33 -2.33
NAT 2DZ O . -22.20 1.29 -2.31
SBH 2DZ O . -21.25 2.59 -1.57
SBH 2DZ O . -21.22 2.58 -1.58
OAE 2DZ O . -21.92 3.30 -0.43
OAE 2DZ O . -21.74 2.86 -0.18
OAF 2DZ O . -20.94 3.39 -2.87
OAF 2DZ O . -21.27 3.78 -2.52
CBB 2DZ O . -19.67 1.99 -1.08
CBB 2DZ O . -19.49 2.16 -1.37
CAN 2DZ O . -18.66 2.57 -1.79
CAN 2DZ O . -19.17 1.78 -0.08
CAL 2DZ O . -17.36 2.23 -1.61
CAL 2DZ O . -17.87 1.40 0.25
CAY 2DZ O . -17.00 1.26 -0.69
CAY 2DZ O . -16.87 1.44 -0.71
CBG 2DZ O . -15.62 0.93 -0.56
CBG 2DZ O . -15.53 1.09 -0.47
FAJ 2DZ O . -15.36 0.36 0.56
FAJ 2DZ O . -15.18 0.03 -1.26
FAK 2DZ O . -15.25 0.06 -1.46
FAK 2DZ O . -14.74 2.12 -0.75
FAI 2DZ O . -14.82 2.09 -0.72
FAI 2DZ O . -15.32 0.76 0.77
CAP 2DZ O . -18.02 0.62 0.03
CAP 2DZ O . -17.18 1.83 -1.99
CBA 2DZ O . -19.36 0.97 -0.16
CBA 2DZ O . -18.46 2.20 -2.33
NBF 2DZ O . -20.39 0.45 0.51
NBF 2DZ O . -18.64 2.53 -3.62
OAH 2DZ O . -21.29 1.40 0.95
OAH 2DZ O . -19.30 1.72 -4.26
OAD 2DZ O . -20.49 -1.12 0.84
OAD 2DZ O . -17.71 3.55 -4.34
C1 EDO P . -3.42 8.99 3.04
O1 EDO P . -3.63 9.15 4.42
C2 EDO P . -2.60 10.12 2.47
O2 EDO P . -2.70 10.03 1.09
C1 EDO Q . -34.55 -4.72 7.57
O1 EDO Q . -33.87 -4.74 8.81
C2 EDO Q . -34.46 -3.25 7.21
O2 EDO Q . -33.88 -2.52 8.29
C1 EDO R . -4.68 -6.11 5.98
O1 EDO R . -5.23 -7.34 5.49
C2 EDO R . -3.24 -6.08 5.54
O2 EDO R . -2.54 -7.33 5.67
#